data_9GTK
#
_entry.id   9GTK
#
_cell.length_a   58.320
_cell.length_b   152.830
_cell.length_c   149.150
_cell.angle_alpha   90.00
_cell.angle_beta   90.00
_cell.angle_gamma   90.00
#
_symmetry.space_group_name_H-M   'P 21 21 21'
#
loop_
_entity.id
_entity.type
_entity.pdbx_description
1 polymer 'Isoform 2B of GTPase KRas'
2 polymer 'DARPin 784_F5'
3 non-polymer 1,2-ETHANEDIOL
4 non-polymer 'MAGNESIUM ION'
5 non-polymer 'PHOSPHOAMINOPHOSPHONIC ACID-GUANYLATE ESTER'
6 non-polymer 'PENTAETHYLENE GLYCOL'
7 non-polymer 'TRIETHYLENE GLYCOL'
8 non-polymer 'S,R MESO-TARTARIC ACID'
9 water water
#
loop_
_entity_poly.entity_id
_entity_poly.type
_entity_poly.pdbx_seq_one_letter_code
_entity_poly.pdbx_strand_id
1 'polypeptide(L)'
;MTEYKLVVVGAGGVGKSALTIQLIQNHFVDEYDPTIEDSYRKQVVIDGETCLLDILDTAGQEEYSAMRDQYMRTGEGFLC
VFAINNTKSFEDIHHYREQIKRVKDSEDVPMVLVGNKCDLPSRTVDTKQAQDLARSYGIPFIETSAKTRQGVDDAFYTLV
REIRKHKEKMSKDGKKKKKKSKTKCVGSAENLYFQ
;
A,C,D
2 'polypeptide(L)'
;GSDLGKKLLEAARAGQDDEVRILMANGADVNAEDTWGSTPLHLAAKTGHLEIVEVLLKTGADVNASDAVGHTPLHLAAHK
GHLEIVEVLLKTGADVNALDLMGWTPLHLAARKGHLEIVEVLLKHGADVNAQDKFGKTPFDLAIDNGNEDIAEVLQKAAK
LNDYKDDDDK
;
B,H,I
#
loop_
_chem_comp.id
_chem_comp.type
_chem_comp.name
_chem_comp.formula
1PE non-polymer 'PENTAETHYLENE GLYCOL' 'C10 H22 O6'
EDO non-polymer 1,2-ETHANEDIOL 'C2 H6 O2'
GNP non-polymer 'PHOSPHOAMINOPHOSPHONIC ACID-GUANYLATE ESTER' 'C10 H17 N6 O13 P3'
MG non-polymer 'MAGNESIUM ION' 'Mg 2'
PGE non-polymer 'TRIETHYLENE GLYCOL' 'C6 H14 O4'
SRT non-polymer 'S,R MESO-TARTARIC ACID' 'C4 H6 O6'
#
# COMPACT_ATOMS: atom_id res chain seq x y z
N MET A 1 -12.70 3.82 -17.59
CA MET A 1 -11.73 4.58 -16.77
C MET A 1 -12.13 6.05 -16.73
N THR A 2 -12.56 6.48 -15.54
CA THR A 2 -12.92 7.87 -15.32
C THR A 2 -11.64 8.62 -14.94
N GLU A 3 -11.46 9.78 -15.54
CA GLU A 3 -10.41 10.71 -15.15
C GLU A 3 -10.96 11.69 -14.12
N TYR A 4 -10.15 11.98 -13.12
CA TYR A 4 -10.41 12.99 -12.11
C TYR A 4 -9.27 14.00 -12.14
N LYS A 5 -9.62 15.28 -12.25
CA LYS A 5 -8.66 16.37 -12.29
C LYS A 5 -8.58 17.03 -10.92
N LEU A 6 -7.44 16.81 -10.24
CA LEU A 6 -7.26 17.19 -8.84
C LEU A 6 -6.15 18.24 -8.77
N VAL A 7 -6.36 19.25 -7.90
CA VAL A 7 -5.37 20.28 -7.65
C VAL A 7 -5.09 20.36 -6.14
N VAL A 8 -3.82 20.48 -5.81
CA VAL A 8 -3.37 20.58 -4.43
C VAL A 8 -2.93 22.02 -4.20
N VAL A 9 -3.54 22.72 -3.24
CA VAL A 9 -3.21 24.10 -2.93
C VAL A 9 -3.06 24.28 -1.41
N GLY A 10 -2.53 25.45 -1.02
CA GLY A 10 -2.25 25.79 0.37
C GLY A 10 -0.94 26.57 0.51
N ALA A 11 -0.67 27.10 1.71
CA ALA A 11 0.49 27.93 1.95
C ALA A 11 1.80 27.16 1.67
N GLY A 12 2.88 27.93 1.52
CA GLY A 12 4.20 27.41 1.29
C GLY A 12 4.66 26.54 2.46
N GLY A 13 5.24 25.38 2.14
CA GLY A 13 5.94 24.59 3.15
C GLY A 13 5.02 23.65 3.97
N VAL A 14 3.73 23.59 3.63
CA VAL A 14 2.79 22.77 4.39
C VAL A 14 2.91 21.29 4.04
N GLY A 15 3.51 20.96 2.89
CA GLY A 15 3.78 19.58 2.46
C GLY A 15 2.95 19.14 1.25
N LYS A 16 2.49 20.08 0.42
CA LYS A 16 1.69 19.73 -0.76
C LYS A 16 2.48 18.77 -1.65
N SER A 17 3.73 19.13 -1.96
CA SER A 17 4.58 18.31 -2.79
C SER A 17 4.88 16.97 -2.13
N ALA A 18 5.21 16.98 -0.83
CA ALA A 18 5.50 15.76 -0.10
C ALA A 18 4.29 14.81 -0.15
N LEU A 19 3.07 15.33 0.00
CA LEU A 19 1.86 14.53 -0.02
C LEU A 19 1.67 13.88 -1.41
N THR A 20 1.87 14.68 -2.43
CA THR A 20 1.66 14.21 -3.80
C THR A 20 2.68 13.13 -4.14
N ILE A 21 3.96 13.40 -3.83
CA ILE A 21 5.02 12.46 -4.18
C ILE A 21 4.90 11.17 -3.39
N GLN A 22 4.42 11.24 -2.15
CA GLN A 22 4.14 10.02 -1.40
C GLN A 22 3.06 9.19 -2.11
N LEU A 23 2.01 9.87 -2.57
CA LEU A 23 0.94 9.15 -3.27
C LEU A 23 1.50 8.48 -4.51
N ILE A 24 2.25 9.23 -5.32
CA ILE A 24 2.70 8.74 -6.60
C ILE A 24 3.87 7.73 -6.52
N GLN A 25 4.90 8.06 -5.71
N GLN A 25 4.89 8.05 -5.71
CA GLN A 25 6.16 7.34 -5.76
CA GLN A 25 6.16 7.35 -5.75
C GLN A 25 6.42 6.57 -4.47
C GLN A 25 6.43 6.57 -4.46
N ASN A 26 5.57 6.75 -3.45
CA ASN A 26 5.78 6.11 -2.15
C ASN A 26 7.13 6.54 -1.56
N HIS A 27 7.46 7.79 -1.80
CA HIS A 27 8.73 8.38 -1.40
C HIS A 27 8.44 9.64 -0.61
N PHE A 28 9.12 9.78 0.50
CA PHE A 28 9.05 11.01 1.27
C PHE A 28 10.21 11.94 0.84
N VAL A 29 9.88 13.13 0.38
CA VAL A 29 10.89 14.15 0.09
C VAL A 29 11.15 14.98 1.35
N ASP A 30 12.40 15.05 1.70
CA ASP A 30 12.85 15.84 2.85
C ASP A 30 13.40 17.17 2.36
N GLU A 31 13.99 17.92 3.28
CA GLU A 31 14.41 19.30 3.06
C GLU A 31 15.43 19.38 1.95
N TYR A 32 16.13 18.28 1.64
CA TYR A 32 17.28 18.33 0.75
C TYR A 32 16.97 17.89 -0.68
N ASP A 33 15.70 17.66 -1.01
CA ASP A 33 15.37 17.21 -2.35
C ASP A 33 14.41 18.22 -2.96
N PRO A 34 14.94 19.21 -3.68
CA PRO A 34 14.08 20.32 -4.12
C PRO A 34 13.00 19.89 -5.10
N THR A 35 11.79 20.42 -4.93
CA THR A 35 10.65 20.11 -5.79
C THR A 35 10.20 21.34 -6.60
N ILE A 36 9.34 21.09 -7.61
CA ILE A 36 8.81 22.10 -8.50
C ILE A 36 7.30 21.96 -8.51
N GLU A 37 6.60 22.96 -9.05
CA GLU A 37 5.21 22.73 -9.39
C GLU A 37 5.21 21.70 -10.53
N ASP A 38 4.28 20.74 -10.49
CA ASP A 38 4.28 19.72 -11.53
C ASP A 38 2.97 18.94 -11.46
N SER A 39 2.73 18.18 -12.53
CA SER A 39 1.57 17.31 -12.61
C SER A 39 1.99 15.83 -12.60
N TYR A 40 1.05 14.99 -12.19
CA TYR A 40 1.29 13.57 -11.98
C TYR A 40 0.04 12.82 -12.39
N ARG A 41 0.22 11.54 -12.73
CA ARG A 41 -0.92 10.69 -13.03
C ARG A 41 -0.81 9.42 -12.19
N LYS A 42 -1.91 8.99 -11.60
CA LYS A 42 -1.96 7.69 -10.91
C LYS A 42 -3.24 6.93 -11.24
N GLN A 43 -3.10 5.67 -11.59
CA GLN A 43 -4.23 4.78 -11.80
C GLN A 43 -4.51 4.01 -10.52
N VAL A 44 -5.74 4.09 -10.00
CA VAL A 44 -6.11 3.44 -8.75
C VAL A 44 -7.53 2.93 -8.87
N VAL A 45 -7.89 1.98 -8.01
CA VAL A 45 -9.26 1.49 -7.90
C VAL A 45 -9.89 2.12 -6.67
N ILE A 46 -11.03 2.79 -6.82
CA ILE A 46 -11.73 3.44 -5.72
C ILE A 46 -13.19 3.04 -5.78
N ASP A 47 -13.63 2.32 -4.72
CA ASP A 47 -14.98 1.78 -4.66
C ASP A 47 -15.31 0.99 -5.91
N GLY A 48 -14.38 0.09 -6.29
CA GLY A 48 -14.64 -0.78 -7.43
C GLY A 48 -14.40 -0.11 -8.79
N GLU A 49 -14.24 1.21 -8.87
CA GLU A 49 -14.07 1.90 -10.15
C GLU A 49 -12.58 2.17 -10.39
N THR A 50 -12.12 1.86 -11.60
CA THR A 50 -10.78 2.15 -12.04
C THR A 50 -10.74 3.62 -12.47
N CYS A 51 -9.86 4.37 -11.83
CA CYS A 51 -9.81 5.81 -11.90
C CYS A 51 -8.41 6.25 -12.34
N LEU A 52 -8.36 7.37 -13.06
CA LEU A 52 -7.11 8.01 -13.39
C LEU A 52 -7.14 9.36 -12.70
N LEU A 53 -6.22 9.53 -11.74
CA LEU A 53 -6.05 10.79 -11.06
C LEU A 53 -5.00 11.61 -11.79
N ASP A 54 -5.42 12.75 -12.34
CA ASP A 54 -4.53 13.73 -12.92
C ASP A 54 -4.38 14.88 -11.92
N ILE A 55 -3.22 14.88 -11.26
CA ILE A 55 -2.95 15.72 -10.11
C ILE A 55 -1.98 16.82 -10.48
N LEU A 56 -2.37 18.05 -10.15
CA LEU A 56 -1.50 19.21 -10.22
C LEU A 56 -1.12 19.69 -8.83
N ASP A 57 0.17 19.64 -8.56
CA ASP A 57 0.82 20.08 -7.32
C ASP A 57 1.32 21.52 -7.52
N THR A 58 0.68 22.49 -6.86
CA THR A 58 0.92 23.91 -7.07
C THR A 58 1.66 24.52 -5.89
N ALA A 59 2.34 25.62 -6.09
CA ALA A 59 3.05 26.32 -5.03
C ALA A 59 2.07 27.16 -4.21
N GLY A 60 2.42 27.35 -2.93
CA GLY A 60 1.74 28.35 -2.13
C GLY A 60 2.12 29.72 -2.68
N GLN A 61 1.16 30.64 -2.78
CA GLN A 61 1.46 31.98 -3.27
C GLN A 61 0.24 32.89 -3.06
N GLU A 62 0.47 34.17 -3.27
CA GLU A 62 -0.51 35.21 -2.97
C GLU A 62 -0.46 36.18 -4.16
N GLU A 63 -0.59 35.63 -5.37
CA GLU A 63 -0.54 36.43 -6.59
C GLU A 63 -1.79 36.21 -7.43
N TYR A 64 -2.25 37.27 -8.09
CA TYR A 64 -3.10 37.16 -9.25
C TYR A 64 -2.27 36.66 -10.43
N SER A 65 -2.83 35.68 -11.13
CA SER A 65 -2.19 35.03 -12.25
C SER A 65 -3.25 34.43 -13.19
N ALA A 66 -3.14 34.72 -14.47
CA ALA A 66 -4.06 34.16 -15.45
C ALA A 66 -3.87 32.66 -15.55
N MET A 67 -2.63 32.18 -15.45
CA MET A 67 -2.40 30.74 -15.53
C MET A 67 -2.90 30.02 -14.32
N ARG A 68 -2.78 30.65 -13.15
CA ARG A 68 -3.26 29.96 -11.96
C ARG A 68 -4.80 29.95 -12.00
N ASP A 69 -5.41 31.08 -12.40
CA ASP A 69 -6.84 31.07 -12.62
C ASP A 69 -7.22 29.92 -13.57
N GLN A 70 -6.48 29.74 -14.67
CA GLN A 70 -6.83 28.70 -15.63
C GLN A 70 -6.83 27.30 -14.99
N TYR A 71 -5.83 26.97 -14.15
CA TYR A 71 -5.80 25.62 -13.60
C TYR A 71 -6.92 25.44 -12.58
N MET A 72 -7.37 26.54 -11.96
CA MET A 72 -8.49 26.45 -11.04
C MET A 72 -9.78 26.19 -11.81
N ARG A 73 -9.92 26.79 -12.98
CA ARG A 73 -11.09 26.56 -13.82
C ARG A 73 -11.11 25.11 -14.30
N THR A 74 -9.97 24.54 -14.66
CA THR A 74 -9.87 23.19 -15.18
C THR A 74 -10.06 22.17 -14.05
N GLY A 75 -9.56 22.45 -12.85
CA GLY A 75 -9.59 21.46 -11.79
C GLY A 75 -11.02 21.13 -11.38
N GLU A 76 -11.26 19.87 -11.03
CA GLU A 76 -12.59 19.43 -10.64
C GLU A 76 -12.70 19.41 -9.11
N GLY A 77 -11.59 19.16 -8.44
CA GLY A 77 -11.58 19.12 -6.98
C GLY A 77 -10.21 19.55 -6.45
N PHE A 78 -10.20 20.02 -5.20
CA PHE A 78 -9.05 20.66 -4.59
C PHE A 78 -8.80 20.08 -3.20
N LEU A 79 -7.54 19.75 -2.94
CA LEU A 79 -7.05 19.50 -1.60
C LEU A 79 -6.54 20.84 -1.08
N CYS A 80 -7.12 21.31 0.01
CA CYS A 80 -6.68 22.52 0.66
C CYS A 80 -5.92 22.12 1.92
N VAL A 81 -4.60 22.30 1.85
CA VAL A 81 -3.65 21.74 2.81
C VAL A 81 -3.14 22.83 3.75
N PHE A 82 -3.15 22.55 5.05
CA PHE A 82 -2.38 23.31 6.01
C PHE A 82 -1.48 22.34 6.79
N ALA A 83 -0.57 22.88 7.59
CA ALA A 83 0.27 22.09 8.48
C ALA A 83 -0.13 22.33 9.92
N ILE A 84 -0.22 21.24 10.69
CA ILE A 84 -0.69 21.29 12.07
C ILE A 84 0.29 22.00 12.99
N ASN A 85 1.49 22.33 12.50
CA ASN A 85 2.42 23.10 13.31
C ASN A 85 2.58 24.54 12.80
N ASN A 86 1.63 25.02 12.01
CA ASN A 86 1.72 26.33 11.40
C ASN A 86 0.33 26.97 11.39
N THR A 87 0.06 27.78 12.38
CA THR A 87 -1.23 28.45 12.57
C THR A 87 -1.58 29.33 11.38
N LYS A 88 -0.58 30.01 10.84
CA LYS A 88 -0.77 30.88 9.69
C LYS A 88 -1.31 30.08 8.51
N SER A 89 -0.71 28.92 8.25
CA SER A 89 -1.17 28.10 7.14
C SER A 89 -2.65 27.75 7.31
N PHE A 90 -3.10 27.57 8.55
CA PHE A 90 -4.49 27.23 8.82
C PHE A 90 -5.39 28.46 8.58
N GLU A 91 -4.92 29.63 9.02
CA GLU A 91 -5.63 30.89 8.79
C GLU A 91 -5.76 31.21 7.30
N ASP A 92 -4.80 30.77 6.49
CA ASP A 92 -4.79 31.03 5.06
C ASP A 92 -5.79 30.15 4.28
N ILE A 93 -6.26 29.05 4.88
CA ILE A 93 -7.19 28.15 4.19
C ILE A 93 -8.39 28.91 3.60
N HIS A 94 -8.98 29.78 4.41
CA HIS A 94 -10.11 30.60 4.03
C HIS A 94 -9.86 31.27 2.68
N HIS A 95 -8.65 31.86 2.51
N HIS A 95 -8.65 31.86 2.51
CA HIS A 95 -8.30 32.57 1.31
CA HIS A 95 -8.27 32.57 1.31
C HIS A 95 -8.21 31.62 0.11
C HIS A 95 -8.20 31.63 0.11
N TYR A 96 -7.65 30.41 0.29
CA TYR A 96 -7.55 29.47 -0.82
C TYR A 96 -8.97 29.07 -1.28
N ARG A 97 -9.83 28.72 -0.32
CA ARG A 97 -11.19 28.30 -0.61
C ARG A 97 -11.97 29.40 -1.33
N GLU A 98 -11.86 30.64 -0.81
N GLU A 98 -11.85 30.65 -0.82
CA GLU A 98 -12.54 31.79 -1.38
CA GLU A 98 -12.57 31.75 -1.41
C GLU A 98 -12.10 32.00 -2.83
C GLU A 98 -12.10 32.00 -2.83
N GLN A 99 -10.79 31.92 -3.08
CA GLN A 99 -10.24 32.14 -4.39
C GLN A 99 -10.77 31.10 -5.38
N ILE A 100 -10.82 29.82 -4.99
CA ILE A 100 -11.35 28.78 -5.86
C ILE A 100 -12.82 29.02 -6.17
N LYS A 101 -13.62 29.39 -5.17
CA LYS A 101 -15.03 29.63 -5.37
C LYS A 101 -15.23 30.82 -6.31
N ARG A 102 -14.44 31.89 -6.12
CA ARG A 102 -14.53 33.06 -6.96
C ARG A 102 -14.20 32.68 -8.41
N VAL A 103 -13.09 31.99 -8.63
CA VAL A 103 -12.60 31.76 -9.98
C VAL A 103 -13.51 30.79 -10.72
N LYS A 104 -14.01 29.77 -10.00
CA LYS A 104 -14.90 28.80 -10.61
C LYS A 104 -16.35 29.21 -10.52
N ASP A 105 -16.61 30.33 -9.83
CA ASP A 105 -17.92 30.91 -9.74
C ASP A 105 -18.94 29.88 -9.27
N SER A 106 -18.65 29.28 -8.10
CA SER A 106 -19.47 28.19 -7.61
C SER A 106 -19.39 28.10 -6.10
N GLU A 107 -20.52 27.78 -5.48
N GLU A 107 -20.54 27.78 -5.51
CA GLU A 107 -20.57 27.56 -4.04
CA GLU A 107 -20.70 27.57 -4.08
C GLU A 107 -20.36 26.08 -3.75
C GLU A 107 -20.39 26.09 -3.76
N ASP A 108 -20.32 25.22 -4.77
CA ASP A 108 -20.21 23.78 -4.54
C ASP A 108 -19.05 23.15 -5.31
N VAL A 109 -17.84 23.52 -4.93
CA VAL A 109 -16.67 22.94 -5.54
C VAL A 109 -16.17 21.79 -4.68
N PRO A 110 -15.96 20.57 -5.23
CA PRO A 110 -15.35 19.49 -4.47
C PRO A 110 -14.04 19.87 -3.82
N MET A 111 -13.96 19.64 -2.51
CA MET A 111 -12.80 19.98 -1.72
C MET A 111 -12.69 19.07 -0.52
N VAL A 112 -11.46 18.92 -0.06
CA VAL A 112 -11.13 18.26 1.19
C VAL A 112 -10.12 19.13 1.94
N LEU A 113 -10.35 19.29 3.23
CA LEU A 113 -9.42 20.00 4.11
C LEU A 113 -8.41 18.98 4.63
N VAL A 114 -7.12 19.25 4.41
CA VAL A 114 -6.04 18.38 4.85
C VAL A 114 -5.13 19.07 5.86
N GLY A 115 -5.07 18.49 7.05
CA GLY A 115 -4.10 18.86 8.08
C GLY A 115 -2.90 17.91 8.08
N ASN A 116 -1.80 18.40 7.54
CA ASN A 116 -0.60 17.61 7.27
C ASN A 116 0.43 17.80 8.39
N LYS A 117 1.42 16.90 8.40
CA LYS A 117 2.54 16.81 9.32
C LYS A 117 2.11 16.25 10.69
N CYS A 118 1.11 15.36 10.69
N CYS A 118 1.12 15.37 10.71
CA CYS A 118 0.61 14.80 11.94
CA CYS A 118 0.63 14.89 12.01
C CYS A 118 1.58 13.82 12.59
C CYS A 118 1.56 13.83 12.59
N ASP A 119 2.71 13.56 11.99
CA ASP A 119 3.76 12.75 12.61
C ASP A 119 4.56 13.56 13.63
N LEU A 120 4.43 14.90 13.62
CA LEU A 120 5.38 15.69 14.39
C LEU A 120 5.15 15.43 15.87
N PRO A 121 6.14 15.68 16.73
CA PRO A 121 5.99 15.42 18.15
C PRO A 121 5.01 16.33 18.87
N SER A 122 4.57 17.43 18.22
CA SER A 122 3.59 18.34 18.79
C SER A 122 2.88 19.11 17.69
N ARG A 123 2.01 20.07 18.11
CA ARG A 123 1.19 20.85 17.19
C ARG A 123 0.74 22.20 17.75
N THR A 124 0.37 23.10 16.84
CA THR A 124 -0.14 24.41 17.23
C THR A 124 -1.59 24.61 16.78
N VAL A 125 -2.09 23.78 15.88
CA VAL A 125 -3.47 23.89 15.45
C VAL A 125 -4.27 22.76 16.09
N ASP A 126 -5.39 23.12 16.70
CA ASP A 126 -6.25 22.18 17.37
C ASP A 126 -7.10 21.39 16.36
N THR A 127 -7.16 20.06 16.49
CA THR A 127 -7.92 19.18 15.62
C THR A 127 -9.38 19.61 15.55
N LYS A 128 -9.95 19.94 16.70
CA LYS A 128 -11.36 20.26 16.81
C LYS A 128 -11.67 21.52 16.01
N GLN A 129 -10.77 22.50 16.06
CA GLN A 129 -10.92 23.71 15.27
C GLN A 129 -10.96 23.37 13.79
N ALA A 130 -10.10 22.45 13.33
CA ALA A 130 -10.07 22.12 11.93
C ALA A 130 -11.33 21.35 11.52
N GLN A 131 -11.78 20.48 12.42
CA GLN A 131 -13.01 19.74 12.19
C GLN A 131 -14.20 20.68 12.10
N ASP A 132 -14.24 21.67 12.99
CA ASP A 132 -15.34 22.64 13.01
C ASP A 132 -15.35 23.41 11.69
N LEU A 133 -14.18 23.81 11.19
CA LEU A 133 -14.10 24.56 9.97
C LEU A 133 -14.61 23.71 8.80
N ALA A 134 -14.16 22.45 8.72
CA ALA A 134 -14.56 21.57 7.63
C ALA A 134 -16.07 21.35 7.65
N ARG A 135 -16.61 21.17 8.84
CA ARG A 135 -18.04 20.98 9.04
C ARG A 135 -18.80 22.22 8.55
N SER A 136 -18.29 23.42 8.82
CA SER A 136 -18.97 24.64 8.44
C SER A 136 -18.90 24.83 6.93
N TYR A 137 -17.92 24.19 6.30
CA TYR A 137 -17.77 24.28 4.86
C TYR A 137 -18.53 23.16 4.17
N GLY A 138 -19.00 22.17 4.95
CA GLY A 138 -19.61 20.97 4.43
C GLY A 138 -18.63 20.05 3.69
N ILE A 139 -17.36 19.97 4.13
CA ILE A 139 -16.39 19.15 3.44
C ILE A 139 -15.69 18.21 4.42
N PRO A 140 -15.10 17.11 3.94
CA PRO A 140 -14.33 16.23 4.83
C PRO A 140 -13.04 16.89 5.30
N PHE A 141 -12.63 16.49 6.52
CA PHE A 141 -11.32 16.81 7.06
C PHE A 141 -10.51 15.54 7.22
N ILE A 142 -9.29 15.53 6.70
CA ILE A 142 -8.38 14.39 6.79
C ILE A 142 -7.06 14.87 7.38
N GLU A 143 -6.57 14.13 8.38
CA GLU A 143 -5.25 14.34 8.95
C GLU A 143 -4.26 13.46 8.20
N THR A 144 -3.10 14.03 7.83
CA THR A 144 -2.14 13.31 7.04
C THR A 144 -0.73 13.52 7.59
N SER A 145 0.13 12.55 7.25
CA SER A 145 1.57 12.69 7.33
C SER A 145 2.16 12.18 6.03
N ALA A 146 2.76 13.10 5.25
CA ALA A 146 3.52 12.70 4.08
C ALA A 146 4.72 11.85 4.48
N LYS A 147 5.19 11.98 5.72
CA LYS A 147 6.36 11.25 6.16
C LYS A 147 6.02 9.81 6.49
N THR A 148 4.95 9.56 7.26
CA THR A 148 4.61 8.20 7.63
C THR A 148 3.65 7.59 6.60
N ARG A 149 3.04 8.44 5.76
CA ARG A 149 2.06 8.01 4.75
C ARG A 149 0.63 7.94 5.33
N GLN A 150 0.47 8.23 6.63
CA GLN A 150 -0.85 8.25 7.22
C GLN A 150 -1.74 9.21 6.44
N GLY A 151 -2.92 8.73 6.04
CA GLY A 151 -3.94 9.58 5.46
C GLY A 151 -3.70 10.00 4.02
N VAL A 152 -2.58 9.62 3.40
CA VAL A 152 -2.23 10.11 2.10
C VAL A 152 -3.24 9.61 1.07
N ASP A 153 -3.40 8.31 1.00
CA ASP A 153 -4.38 7.75 0.10
C ASP A 153 -5.77 8.31 0.43
N ASP A 154 -6.10 8.38 1.72
CA ASP A 154 -7.42 8.79 2.17
C ASP A 154 -7.78 10.18 1.62
N ALA A 155 -6.83 11.11 1.72
CA ALA A 155 -7.04 12.47 1.28
C ALA A 155 -7.41 12.50 -0.20
N PHE A 156 -6.64 11.83 -1.06
CA PHE A 156 -6.90 11.87 -2.49
C PHE A 156 -8.16 11.08 -2.86
N TYR A 157 -8.33 9.91 -2.24
CA TYR A 157 -9.47 9.09 -2.58
C TYR A 157 -10.76 9.79 -2.15
N THR A 158 -10.74 10.42 -0.97
CA THR A 158 -11.91 11.11 -0.44
C THR A 158 -12.27 12.24 -1.42
N LEU A 159 -11.27 12.95 -1.96
CA LEU A 159 -11.53 14.01 -2.91
C LEU A 159 -12.20 13.45 -4.16
N VAL A 160 -11.75 12.29 -4.62
CA VAL A 160 -12.40 11.64 -5.74
C VAL A 160 -13.86 11.39 -5.43
N ARG A 161 -14.15 10.88 -4.22
CA ARG A 161 -15.52 10.59 -3.88
C ARG A 161 -16.37 11.87 -3.85
N GLU A 162 -15.78 12.97 -3.39
CA GLU A 162 -16.49 14.26 -3.38
C GLU A 162 -16.79 14.72 -4.82
N ILE A 163 -15.84 14.51 -5.74
CA ILE A 163 -16.12 14.84 -7.13
C ILE A 163 -17.26 13.99 -7.67
N ARG A 164 -17.22 12.70 -7.34
CA ARG A 164 -18.25 11.77 -7.81
C ARG A 164 -19.61 12.18 -7.30
N LYS A 165 -19.73 12.53 -6.01
CA LYS A 165 -21.01 12.95 -5.47
C LYS A 165 -21.50 14.20 -6.20
N HIS A 166 -20.60 15.16 -6.42
CA HIS A 166 -20.96 16.40 -7.10
C HIS A 166 -21.51 16.10 -8.49
N LYS A 167 -20.82 15.26 -9.25
N LYS A 167 -20.82 15.26 -9.25
CA LYS A 167 -21.26 14.89 -10.59
CA LYS A 167 -21.25 14.90 -10.59
C LYS A 167 -22.62 14.22 -10.55
C LYS A 167 -22.63 14.23 -10.54
N GLU A 168 -22.85 13.36 -9.54
CA GLU A 168 -24.12 12.66 -9.43
C GLU A 168 -25.24 13.63 -9.06
N LYS A 169 -24.96 14.63 -8.22
CA LYS A 169 -25.95 15.61 -7.81
C LYS A 169 -26.29 16.52 -9.00
N MET A 170 -25.32 16.72 -9.90
CA MET A 170 -25.58 17.53 -11.09
C MET A 170 -26.45 16.79 -12.09
N SER A 171 -26.30 15.46 -12.22
CA SER A 171 -27.12 14.70 -13.16
C SER A 171 -28.58 14.61 -12.72
N LYS A 172 -28.84 14.63 -11.41
CA LYS A 172 -30.19 14.75 -10.89
C LYS A 172 -30.82 16.09 -11.32
N ASP A 173 -30.07 17.18 -11.17
CA ASP A 173 -30.44 18.49 -11.70
C ASP A 173 -30.75 18.40 -13.21
N GLY A 174 -29.81 17.79 -13.97
CA GLY A 174 -29.78 17.86 -15.42
C GLY A 174 -30.89 17.07 -16.12
N LYS A 175 -31.82 16.43 -15.38
CA LYS A 175 -32.97 15.78 -15.99
C LYS A 175 -34.28 16.37 -15.44
N LYS A 176 -34.25 16.75 -14.16
CA LYS A 176 -35.45 17.04 -13.38
C LYS A 176 -36.08 18.37 -13.82
N GLY B 1 -4.16 12.37 -32.75
CA GLY B 1 -5.61 12.61 -32.74
C GLY B 1 -6.07 13.06 -31.35
N SER B 2 -7.29 12.69 -30.92
CA SER B 2 -7.60 12.74 -29.49
C SER B 2 -7.55 11.33 -28.90
N ASP B 3 -8.19 10.37 -29.56
CA ASP B 3 -7.92 8.95 -29.32
C ASP B 3 -6.43 8.65 -29.46
N LEU B 4 -5.86 8.90 -30.65
CA LEU B 4 -4.47 8.63 -30.92
C LEU B 4 -3.58 9.55 -30.08
N GLY B 5 -4.02 10.78 -29.82
CA GLY B 5 -3.28 11.71 -28.99
C GLY B 5 -3.13 11.18 -27.57
N LYS B 6 -4.24 10.71 -26.99
CA LYS B 6 -4.22 10.15 -25.64
C LYS B 6 -3.28 8.94 -25.59
N LYS B 7 -3.33 8.09 -26.61
CA LYS B 7 -2.48 6.89 -26.66
C LYS B 7 -1.02 7.29 -26.77
N LEU B 8 -0.74 8.38 -27.52
CA LEU B 8 0.62 8.80 -27.73
C LEU B 8 1.19 9.32 -26.41
N LEU B 9 0.38 10.07 -25.68
CA LEU B 9 0.82 10.60 -24.37
C LEU B 9 1.22 9.46 -23.43
N GLU B 10 0.37 8.43 -23.34
N GLU B 10 0.35 8.44 -23.34
CA GLU B 10 0.62 7.32 -22.45
CA GLU B 10 0.56 7.26 -22.51
C GLU B 10 1.81 6.49 -22.94
C GLU B 10 1.81 6.51 -22.94
N ALA B 11 1.96 6.27 -24.26
CA ALA B 11 3.13 5.55 -24.76
C ALA B 11 4.42 6.31 -24.46
N ALA B 12 4.38 7.63 -24.59
CA ALA B 12 5.57 8.43 -24.34
C ALA B 12 5.95 8.41 -22.86
N ARG B 13 4.97 8.50 -21.97
CA ARG B 13 5.24 8.50 -20.56
C ARG B 13 5.80 7.14 -20.14
N ALA B 14 5.27 6.06 -20.73
CA ALA B 14 5.62 4.71 -20.37
C ALA B 14 6.89 4.23 -21.06
N GLY B 15 7.51 5.02 -21.94
CA GLY B 15 8.74 4.63 -22.59
C GLY B 15 8.57 3.50 -23.60
N GLN B 16 7.40 3.42 -24.25
CA GLN B 16 7.13 2.41 -25.27
C GLN B 16 7.53 2.88 -26.68
N ASP B 17 8.81 2.70 -27.03
CA ASP B 17 9.41 3.24 -28.26
C ASP B 17 8.63 2.79 -29.48
N ASP B 18 8.36 1.48 -29.58
CA ASP B 18 7.70 0.92 -30.75
C ASP B 18 6.29 1.45 -30.88
N GLU B 19 5.60 1.58 -29.76
CA GLU B 19 4.23 2.04 -29.76
C GLU B 19 4.15 3.51 -30.16
N VAL B 20 5.12 4.33 -29.73
CA VAL B 20 5.22 5.72 -30.15
C VAL B 20 5.35 5.79 -31.69
N ARG B 21 6.22 4.95 -32.24
N ARG B 21 6.22 4.95 -32.24
CA ARG B 21 6.52 4.93 -33.66
CA ARG B 21 6.53 4.93 -33.66
C ARG B 21 5.25 4.62 -34.45
C ARG B 21 5.26 4.61 -34.45
N ILE B 22 4.52 3.59 -34.00
CA ILE B 22 3.33 3.11 -34.68
C ILE B 22 2.23 4.18 -34.57
N LEU B 23 2.06 4.78 -33.42
CA LEU B 23 1.05 5.82 -33.23
C LEU B 23 1.32 7.00 -34.17
N MET B 24 2.59 7.36 -34.32
N MET B 24 2.60 7.36 -34.32
CA MET B 24 2.96 8.50 -35.14
CA MET B 24 2.99 8.47 -35.16
C MET B 24 2.72 8.17 -36.61
C MET B 24 2.71 8.16 -36.61
N ALA B 25 3.03 6.94 -37.03
CA ALA B 25 2.75 6.48 -38.38
C ALA B 25 1.25 6.52 -38.69
N ASN B 26 0.39 6.42 -37.70
CA ASN B 26 -1.07 6.45 -37.88
C ASN B 26 -1.61 7.88 -37.78
N GLY B 27 -0.74 8.87 -37.58
CA GLY B 27 -1.15 10.25 -37.63
C GLY B 27 -1.49 10.82 -36.26
N ALA B 28 -1.02 10.21 -35.17
CA ALA B 28 -1.20 10.81 -33.87
C ALA B 28 -0.63 12.22 -33.88
N ASP B 29 -1.37 13.09 -33.21
CA ASP B 29 -0.97 14.48 -33.04
C ASP B 29 0.23 14.55 -32.10
N VAL B 30 1.37 14.91 -32.66
CA VAL B 30 2.62 14.93 -31.91
C VAL B 30 2.58 15.95 -30.77
N ASN B 31 1.71 16.95 -30.85
CA ASN B 31 1.57 17.98 -29.83
C ASN B 31 0.23 17.87 -29.08
N ALA B 32 -0.32 16.64 -28.97
CA ALA B 32 -1.49 16.42 -28.14
C ALA B 32 -1.16 16.86 -26.71
N GLU B 33 -2.17 17.35 -25.98
CA GLU B 33 -1.97 17.76 -24.59
C GLU B 33 -2.87 16.97 -23.65
N ASP B 34 -2.32 16.65 -22.47
CA ASP B 34 -3.11 16.05 -21.41
C ASP B 34 -3.76 17.16 -20.61
N THR B 35 -4.47 16.78 -19.55
CA THR B 35 -5.26 17.68 -18.73
C THR B 35 -4.44 18.87 -18.30
N TRP B 36 -3.21 18.64 -17.86
CA TRP B 36 -2.40 19.70 -17.25
C TRP B 36 -1.36 20.22 -18.23
N GLY B 37 -1.65 20.08 -19.53
CA GLY B 37 -0.92 20.80 -20.57
C GLY B 37 0.38 20.11 -21.00
N SER B 38 0.60 18.85 -20.64
CA SER B 38 1.82 18.15 -21.04
C SER B 38 1.61 17.60 -22.46
N THR B 39 2.62 17.77 -23.29
CA THR B 39 2.71 17.12 -24.58
C THR B 39 3.50 15.83 -24.44
N PRO B 40 3.51 14.96 -25.46
CA PRO B 40 4.36 13.76 -25.43
C PRO B 40 5.82 14.06 -25.15
N LEU B 41 6.32 15.18 -25.66
CA LEU B 41 7.70 15.58 -25.45
C LEU B 41 7.96 15.91 -23.97
N HIS B 42 7.02 16.59 -23.31
CA HIS B 42 7.12 16.82 -21.86
C HIS B 42 7.23 15.50 -21.12
N LEU B 43 6.34 14.57 -21.44
CA LEU B 43 6.23 13.33 -20.70
C LEU B 43 7.44 12.46 -20.94
N ALA B 44 7.96 12.45 -22.18
CA ALA B 44 9.16 11.67 -22.47
C ALA B 44 10.39 12.29 -21.77
N ALA B 45 10.50 13.61 -21.81
CA ALA B 45 11.59 14.37 -21.24
C ALA B 45 11.71 14.18 -19.72
N LYS B 46 10.56 14.20 -19.04
CA LYS B 46 10.53 14.15 -17.58
C LYS B 46 10.65 12.74 -17.05
N THR B 47 10.44 11.71 -17.88
CA THR B 47 10.61 10.36 -17.42
C THR B 47 11.92 9.78 -17.97
N GLY B 48 12.66 10.57 -18.74
CA GLY B 48 14.03 10.20 -19.11
C GLY B 48 14.12 9.29 -20.33
N HIS B 49 13.12 9.33 -21.23
CA HIS B 49 13.13 8.41 -22.37
C HIS B 49 13.73 9.10 -23.61
N LEU B 50 15.05 9.02 -23.74
CA LEU B 50 15.81 9.80 -24.72
C LEU B 50 15.37 9.51 -26.16
N GLU B 51 15.20 8.23 -26.49
CA GLU B 51 14.96 7.80 -27.87
C GLU B 51 13.61 8.34 -28.33
N ILE B 52 12.61 8.35 -27.42
CA ILE B 52 11.32 8.92 -27.71
C ILE B 52 11.40 10.44 -27.88
N VAL B 53 12.19 11.11 -27.03
CA VAL B 53 12.43 12.53 -27.19
C VAL B 53 12.91 12.83 -28.61
N GLU B 54 13.92 12.09 -29.07
CA GLU B 54 14.51 12.27 -30.38
C GLU B 54 13.47 12.07 -31.48
N VAL B 55 12.70 10.98 -31.38
CA VAL B 55 11.70 10.66 -32.38
C VAL B 55 10.67 11.80 -32.47
N LEU B 56 10.23 12.28 -31.31
CA LEU B 56 9.23 13.34 -31.22
C LEU B 56 9.76 14.63 -31.85
N LEU B 57 11.00 15.00 -31.53
CA LEU B 57 11.59 16.21 -32.06
C LEU B 57 11.68 16.14 -33.59
N LYS B 58 11.96 14.96 -34.13
CA LYS B 58 12.10 14.77 -35.57
C LYS B 58 10.74 14.78 -36.27
N THR B 59 9.65 14.54 -35.53
CA THR B 59 8.33 14.43 -36.14
C THR B 59 7.46 15.63 -35.76
N GLY B 60 8.08 16.77 -35.43
CA GLY B 60 7.39 18.05 -35.39
C GLY B 60 6.98 18.50 -33.98
N ALA B 61 7.42 17.85 -32.91
CA ALA B 61 7.02 18.28 -31.58
C ALA B 61 7.45 19.73 -31.34
N ASP B 62 6.60 20.54 -30.69
CA ASP B 62 6.92 21.89 -30.28
C ASP B 62 7.89 21.85 -29.09
N VAL B 63 9.14 22.21 -29.36
CA VAL B 63 10.21 22.05 -28.39
C VAL B 63 10.00 23.00 -27.21
N ASN B 64 9.24 24.08 -27.40
CA ASN B 64 9.04 25.06 -26.34
C ASN B 64 7.61 25.04 -25.80
N ALA B 65 6.88 23.95 -26.00
CA ALA B 65 5.54 23.87 -25.45
C ALA B 65 5.63 24.02 -23.92
N SER B 66 4.65 24.72 -23.35
CA SER B 66 4.62 25.11 -21.97
C SER B 66 3.38 24.51 -21.30
N ASP B 67 3.52 23.85 -20.13
CA ASP B 67 2.39 23.15 -19.49
C ASP B 67 1.66 24.07 -18.53
N ALA B 68 0.74 23.53 -17.72
CA ALA B 68 -0.13 24.32 -16.88
C ALA B 68 0.62 25.16 -15.85
N VAL B 69 1.85 24.81 -15.51
CA VAL B 69 2.62 25.52 -14.51
C VAL B 69 3.88 26.09 -15.15
N GLY B 70 3.82 26.25 -16.48
CA GLY B 70 4.82 27.00 -17.22
C GLY B 70 6.15 26.26 -17.48
N HIS B 71 6.15 24.93 -17.38
CA HIS B 71 7.34 24.17 -17.69
C HIS B 71 7.37 23.75 -19.18
N THR B 72 8.54 23.95 -19.79
CA THR B 72 8.86 23.38 -21.09
C THR B 72 9.56 22.05 -20.85
N PRO B 73 9.73 21.20 -21.89
CA PRO B 73 10.49 19.98 -21.73
C PRO B 73 11.89 20.20 -21.17
N LEU B 74 12.50 21.31 -21.52
CA LEU B 74 13.85 21.58 -21.07
C LEU B 74 13.86 21.79 -19.55
N HIS B 75 12.88 22.52 -19.00
CA HIS B 75 12.80 22.67 -17.54
C HIS B 75 12.80 21.31 -16.87
N LEU B 76 11.98 20.41 -17.37
CA LEU B 76 11.71 19.13 -16.73
C LEU B 76 12.93 18.24 -16.83
N ALA B 77 13.59 18.21 -17.98
CA ALA B 77 14.79 17.41 -18.14
C ALA B 77 15.92 17.99 -17.25
N ALA B 78 16.01 19.31 -17.11
CA ALA B 78 17.01 19.96 -16.29
C ALA B 78 16.78 19.62 -14.80
N HIS B 79 15.52 19.68 -14.37
CA HIS B 79 15.11 19.30 -13.03
C HIS B 79 15.42 17.84 -12.73
N LYS B 80 15.06 16.94 -13.65
N LYS B 80 15.06 16.94 -13.65
CA LYS B 80 15.14 15.50 -13.40
CA LYS B 80 15.13 15.50 -13.39
C LYS B 80 16.55 14.98 -13.63
C LYS B 80 16.55 14.98 -13.63
N GLY B 81 17.42 15.77 -14.28
CA GLY B 81 18.83 15.41 -14.37
C GLY B 81 19.13 14.56 -15.60
N HIS B 82 18.35 14.70 -16.67
CA HIS B 82 18.58 13.90 -17.88
C HIS B 82 19.46 14.70 -18.86
N LEU B 83 20.78 14.50 -18.80
CA LEU B 83 21.74 15.30 -19.52
C LEU B 83 21.54 15.22 -21.04
N GLU B 84 21.48 14.00 -21.58
CA GLU B 84 21.38 13.80 -23.03
C GLU B 84 20.08 14.41 -23.57
N ILE B 85 18.99 14.36 -22.79
CA ILE B 85 17.77 14.98 -23.22
C ILE B 85 17.92 16.50 -23.22
N VAL B 86 18.57 17.05 -22.18
CA VAL B 86 18.84 18.48 -22.16
C VAL B 86 19.60 18.88 -23.42
N GLU B 87 20.60 18.08 -23.80
CA GLU B 87 21.46 18.41 -24.93
C GLU B 87 20.66 18.44 -26.23
N VAL B 88 19.88 17.39 -26.50
CA VAL B 88 19.16 17.31 -27.76
C VAL B 88 18.08 18.39 -27.83
N LEU B 89 17.44 18.69 -26.71
CA LEU B 89 16.47 19.78 -26.67
C LEU B 89 17.13 21.08 -27.10
N LEU B 90 18.31 21.40 -26.51
CA LEU B 90 18.98 22.64 -26.81
C LEU B 90 19.42 22.66 -28.27
N LYS B 91 19.87 21.51 -28.78
CA LYS B 91 20.32 21.37 -30.16
C LYS B 91 19.14 21.50 -31.14
N THR B 92 17.90 21.37 -30.66
CA THR B 92 16.73 21.43 -31.52
C THR B 92 15.85 22.64 -31.16
N GLY B 93 16.45 23.74 -30.71
CA GLY B 93 15.75 25.03 -30.63
C GLY B 93 15.12 25.34 -29.24
N ALA B 94 15.37 24.55 -28.20
CA ALA B 94 14.77 24.86 -26.90
C ALA B 94 15.21 26.23 -26.41
N ASP B 95 14.27 26.99 -25.82
CA ASP B 95 14.57 28.27 -25.21
C ASP B 95 15.29 28.02 -23.89
N VAL B 96 16.56 28.37 -23.85
CA VAL B 96 17.42 28.08 -22.73
C VAL B 96 17.00 28.84 -21.46
N ASN B 97 16.31 29.98 -21.62
CA ASN B 97 15.92 30.84 -20.51
C ASN B 97 14.40 30.91 -20.34
N ALA B 98 13.67 29.87 -20.75
CA ALA B 98 12.24 29.78 -20.48
C ALA B 98 11.96 29.90 -18.97
N LEU B 99 10.83 30.55 -18.63
CA LEU B 99 10.43 30.90 -17.28
C LEU B 99 9.15 30.16 -16.90
N ASP B 100 9.14 29.54 -15.69
CA ASP B 100 7.96 28.92 -15.12
C ASP B 100 7.25 29.94 -14.21
N LEU B 101 6.19 29.51 -13.51
CA LEU B 101 5.38 30.43 -12.71
C LEU B 101 6.11 30.89 -11.47
N MET B 102 7.22 30.23 -11.11
N MET B 102 7.21 30.23 -11.11
CA MET B 102 8.03 30.65 -9.99
CA MET B 102 8.02 30.64 -9.98
C MET B 102 9.13 31.61 -10.43
C MET B 102 9.13 31.60 -10.42
N GLY B 103 9.24 31.86 -11.74
CA GLY B 103 10.34 32.64 -12.29
C GLY B 103 11.63 31.81 -12.42
N TRP B 104 11.51 30.48 -12.41
CA TRP B 104 12.69 29.65 -12.59
C TRP B 104 12.94 29.39 -14.09
N THR B 105 14.22 29.55 -14.47
CA THR B 105 14.76 29.11 -15.73
C THR B 105 15.30 27.71 -15.54
N PRO B 106 15.64 26.98 -16.64
CA PRO B 106 16.29 25.68 -16.51
C PRO B 106 17.53 25.71 -15.65
N LEU B 107 18.30 26.81 -15.73
CA LEU B 107 19.52 26.92 -14.97
C LEU B 107 19.23 26.93 -13.47
N HIS B 108 18.17 27.64 -13.05
CA HIS B 108 17.76 27.63 -11.66
C HIS B 108 17.44 26.20 -11.21
N LEU B 109 16.70 25.44 -12.07
CA LEU B 109 16.25 24.12 -11.69
C LEU B 109 17.43 23.16 -11.56
N ALA B 110 18.37 23.22 -12.51
CA ALA B 110 19.55 22.38 -12.46
C ALA B 110 20.43 22.76 -11.26
N ALA B 111 20.51 24.07 -10.97
CA ALA B 111 21.36 24.57 -9.88
C ALA B 111 20.83 24.11 -8.52
N ARG B 112 19.51 24.19 -8.32
CA ARG B 112 18.89 23.75 -7.07
C ARG B 112 19.12 22.25 -6.86
N LYS B 113 19.06 21.47 -7.95
CA LYS B 113 19.09 20.01 -7.83
C LYS B 113 20.51 19.45 -7.87
N GLY B 114 21.51 20.28 -8.13
CA GLY B 114 22.90 19.82 -8.09
C GLY B 114 23.36 19.06 -9.36
N HIS B 115 22.78 19.34 -10.53
CA HIS B 115 23.17 18.67 -11.76
C HIS B 115 24.26 19.49 -12.48
N LEU B 116 25.52 19.19 -12.19
CA LEU B 116 26.68 19.97 -12.60
C LEU B 116 26.77 20.01 -14.13
N GLU B 117 26.81 18.84 -14.77
CA GLU B 117 26.98 18.75 -16.21
C GLU B 117 25.89 19.53 -16.93
N ILE B 118 24.66 19.48 -16.43
CA ILE B 118 23.55 20.17 -17.05
C ILE B 118 23.71 21.68 -16.88
N VAL B 119 24.24 22.13 -15.72
CA VAL B 119 24.53 23.54 -15.55
C VAL B 119 25.52 23.99 -16.62
N GLU B 120 26.63 23.24 -16.82
CA GLU B 120 27.68 23.63 -17.75
C GLU B 120 27.13 23.68 -19.17
N VAL B 121 26.23 22.74 -19.52
CA VAL B 121 25.69 22.68 -20.87
C VAL B 121 24.74 23.84 -21.11
N LEU B 122 23.91 24.18 -20.12
CA LEU B 122 23.00 25.32 -20.22
C LEU B 122 23.79 26.62 -20.38
N LEU B 123 24.86 26.78 -19.60
CA LEU B 123 25.71 27.94 -19.69
C LEU B 123 26.26 28.04 -21.13
N LYS B 124 26.67 26.90 -21.70
CA LYS B 124 27.27 26.86 -23.03
C LYS B 124 26.25 27.40 -24.04
N HIS B 125 24.95 27.14 -23.83
CA HIS B 125 23.89 27.57 -24.73
C HIS B 125 23.31 28.93 -24.33
N GLY B 126 24.01 29.71 -23.49
CA GLY B 126 23.63 31.09 -23.20
C GLY B 126 22.59 31.26 -22.07
N ALA B 127 22.56 30.34 -21.10
CA ALA B 127 21.69 30.54 -19.94
C ALA B 127 22.08 31.79 -19.15
N ASP B 128 21.08 32.48 -18.61
CA ASP B 128 21.27 33.76 -17.95
C ASP B 128 21.64 33.56 -16.48
N VAL B 129 22.88 33.90 -16.12
CA VAL B 129 23.33 33.72 -14.71
C VAL B 129 22.71 34.81 -13.82
N ASN B 130 22.19 35.88 -14.40
CA ASN B 130 21.60 36.94 -13.60
C ASN B 130 20.08 36.84 -13.49
N ALA B 131 19.48 35.80 -14.06
CA ALA B 131 18.03 35.65 -13.99
C ALA B 131 17.62 35.49 -12.53
N GLN B 132 16.62 36.28 -12.11
CA GLN B 132 16.12 36.26 -10.74
C GLN B 132 14.71 35.67 -10.72
N ASP B 133 14.44 34.80 -9.74
CA ASP B 133 13.14 34.17 -9.60
C ASP B 133 12.21 35.13 -8.86
N LYS B 134 10.99 34.67 -8.53
CA LYS B 134 10.00 35.55 -7.92
C LYS B 134 10.44 36.00 -6.53
N PHE B 135 11.45 35.32 -5.95
CA PHE B 135 11.95 35.64 -4.62
C PHE B 135 13.26 36.43 -4.71
N GLY B 136 13.63 36.85 -5.93
CA GLY B 136 14.84 37.61 -6.13
C GLY B 136 16.10 36.74 -6.23
N LYS B 137 15.98 35.41 -6.32
CA LYS B 137 17.16 34.56 -6.29
C LYS B 137 17.65 34.20 -7.69
N THR B 138 18.97 34.27 -7.88
CA THR B 138 19.65 33.85 -9.10
C THR B 138 20.02 32.37 -8.96
N PRO B 139 20.42 31.68 -10.05
CA PRO B 139 20.86 30.29 -9.96
C PRO B 139 22.01 30.09 -8.98
N PHE B 140 22.91 31.07 -8.93
CA PHE B 140 24.01 31.04 -7.98
C PHE B 140 23.49 30.98 -6.55
N ASP B 141 22.55 31.89 -6.25
CA ASP B 141 21.95 31.95 -4.92
C ASP B 141 21.32 30.61 -4.58
N LEU B 142 20.64 29.97 -5.54
CA LEU B 142 19.97 28.71 -5.27
C LEU B 142 20.97 27.57 -5.12
N ALA B 143 22.08 27.62 -5.85
CA ALA B 143 23.14 26.64 -5.65
C ALA B 143 23.66 26.72 -4.19
N ILE B 144 23.80 27.93 -3.65
CA ILE B 144 24.29 28.12 -2.29
C ILE B 144 23.28 27.57 -1.29
N ASP B 145 22.02 27.98 -1.46
CA ASP B 145 20.93 27.57 -0.59
C ASP B 145 20.83 26.03 -0.51
N ASN B 146 21.15 25.31 -1.59
CA ASN B 146 21.04 23.86 -1.63
C ASN B 146 22.38 23.14 -1.43
N GLY B 147 23.39 23.88 -0.98
CA GLY B 147 24.70 23.34 -0.64
C GLY B 147 25.41 22.71 -1.84
N ASN B 148 25.23 23.29 -3.03
CA ASN B 148 25.88 22.82 -4.24
C ASN B 148 27.07 23.74 -4.57
N GLU B 149 28.19 23.56 -3.86
CA GLU B 149 29.31 24.49 -3.92
C GLU B 149 30.07 24.40 -5.24
N ASP B 150 30.20 23.22 -5.83
CA ASP B 150 30.84 23.10 -7.14
C ASP B 150 30.07 23.94 -8.16
N ILE B 151 28.74 23.83 -8.16
CA ILE B 151 27.93 24.56 -9.11
C ILE B 151 28.01 26.07 -8.88
N ALA B 152 28.09 26.49 -7.61
CA ALA B 152 28.23 27.91 -7.28
C ALA B 152 29.50 28.50 -7.88
N GLU B 153 30.61 27.76 -7.81
CA GLU B 153 31.88 28.24 -8.32
C GLU B 153 31.80 28.37 -9.84
N VAL B 154 31.24 27.35 -10.48
CA VAL B 154 31.09 27.34 -11.93
C VAL B 154 30.26 28.54 -12.35
N LEU B 155 29.19 28.81 -11.62
CA LEU B 155 28.30 29.92 -11.92
C LEU B 155 29.02 31.25 -11.70
N GLN B 156 29.81 31.33 -10.63
CA GLN B 156 30.49 32.57 -10.29
C GLN B 156 31.54 32.91 -11.35
N LYS B 157 32.25 31.88 -11.85
CA LYS B 157 33.22 32.06 -12.92
C LYS B 157 32.52 32.47 -14.21
N ALA B 158 31.38 31.85 -14.50
CA ALA B 158 30.63 32.22 -15.71
C ALA B 158 30.25 33.70 -15.64
N ALA B 159 29.82 34.16 -14.49
CA ALA B 159 29.36 35.56 -14.37
C ALA B 159 30.53 36.52 -14.66
N LYS B 160 31.74 36.14 -14.27
CA LYS B 160 32.93 37.00 -14.48
C LYS B 160 33.35 36.95 -15.95
N LEU B 161 33.52 35.73 -16.48
CA LEU B 161 33.95 35.57 -17.89
C LEU B 161 32.93 36.24 -18.80
N ASN B 162 31.81 36.67 -18.23
CA ASN B 162 30.75 37.33 -19.04
C ASN B 162 30.81 38.82 -18.79
N ASP B 163 31.16 39.21 -17.55
CA ASP B 163 31.25 40.65 -17.22
C ASP B 163 32.35 41.29 -18.06
N TYR B 164 33.42 40.55 -18.36
CA TYR B 164 34.56 41.13 -19.12
C TYR B 164 34.23 41.11 -20.61
N MET C 1 8.90 -7.06 -17.67
CA MET C 1 9.22 -7.17 -16.22
C MET C 1 10.73 -7.16 -16.01
N THR C 2 11.22 -6.06 -15.45
CA THR C 2 12.63 -5.92 -15.12
C THR C 2 12.83 -6.54 -13.73
N GLU C 3 13.90 -7.33 -13.61
CA GLU C 3 14.33 -7.91 -12.37
C GLU C 3 15.38 -6.98 -11.79
N TYR C 4 15.28 -6.76 -10.49
CA TYR C 4 16.25 -5.99 -9.74
C TYR C 4 16.80 -6.89 -8.61
N LYS C 5 18.13 -7.01 -8.57
CA LYS C 5 18.79 -7.86 -7.61
C LYS C 5 19.29 -7.02 -6.44
N LEU C 6 18.62 -7.15 -5.28
CA LEU C 6 18.81 -6.29 -4.11
C LEU C 6 19.42 -7.13 -2.98
N VAL C 7 20.35 -6.52 -2.23
CA VAL C 7 20.97 -7.18 -1.09
C VAL C 7 20.86 -6.25 0.11
N VAL C 8 20.48 -6.84 1.26
CA VAL C 8 20.33 -6.10 2.50
C VAL C 8 21.47 -6.49 3.41
N VAL C 9 22.26 -5.48 3.82
CA VAL C 9 23.42 -5.72 4.67
C VAL C 9 23.41 -4.75 5.85
N GLY C 10 24.27 -5.03 6.84
CA GLY C 10 24.41 -4.22 8.04
C GLY C 10 24.66 -5.05 9.27
N ALA C 11 24.98 -4.40 10.40
CA ALA C 11 25.31 -5.12 11.63
C ALA C 11 24.12 -5.97 12.12
N GLY C 12 24.45 -6.95 12.97
CA GLY C 12 23.47 -7.83 13.59
C GLY C 12 22.43 -7.03 14.38
N GLY C 13 21.15 -7.35 14.20
CA GLY C 13 20.12 -6.87 15.10
C GLY C 13 19.54 -5.50 14.69
N VAL C 14 19.98 -4.94 13.55
CA VAL C 14 19.53 -3.62 13.14
C VAL C 14 18.13 -3.69 12.53
N GLY C 15 17.65 -4.87 12.12
CA GLY C 15 16.32 -5.03 11.52
C GLY C 15 16.30 -5.38 10.02
N LYS C 16 17.38 -5.94 9.48
CA LYS C 16 17.45 -6.31 8.08
C LYS C 16 16.32 -7.28 7.70
N SER C 17 16.19 -8.34 8.48
CA SER C 17 15.17 -9.36 8.26
C SER C 17 13.77 -8.77 8.46
N ALA C 18 13.57 -7.96 9.52
CA ALA C 18 12.27 -7.36 9.79
C ALA C 18 11.84 -6.46 8.63
N LEU C 19 12.79 -5.71 8.07
CA LEU C 19 12.50 -4.84 6.93
C LEU C 19 12.07 -5.65 5.71
N THR C 20 12.77 -6.74 5.46
CA THR C 20 12.49 -7.59 4.32
C THR C 20 11.12 -8.25 4.48
N ILE C 21 10.82 -8.78 5.65
CA ILE C 21 9.55 -9.48 5.87
C ILE C 21 8.38 -8.49 5.81
N GLN C 22 8.59 -7.26 6.26
CA GLN C 22 7.55 -6.24 6.14
C GLN C 22 7.31 -5.93 4.65
N LEU C 23 8.37 -5.86 3.86
CA LEU C 23 8.18 -5.64 2.43
C LEU C 23 7.41 -6.80 1.79
N ILE C 24 7.83 -8.02 2.07
CA ILE C 24 7.29 -9.21 1.38
C ILE C 24 5.90 -9.61 1.91
N GLN C 25 5.74 -9.63 3.24
N GLN C 25 5.74 -9.63 3.23
CA GLN C 25 4.55 -10.25 3.83
CA GLN C 25 4.57 -10.23 3.85
C GLN C 25 3.67 -9.20 4.50
C GLN C 25 3.67 -9.20 4.51
N ASN C 26 4.15 -7.95 4.64
CA ASN C 26 3.39 -6.93 5.36
C ASN C 26 3.14 -7.38 6.80
N HIS C 27 4.16 -8.04 7.36
CA HIS C 27 4.10 -8.61 8.68
C HIS C 27 5.31 -8.17 9.47
N PHE C 28 5.09 -7.81 10.73
CA PHE C 28 6.20 -7.56 11.61
C PHE C 28 6.42 -8.80 12.46
N VAL C 29 7.61 -9.41 12.31
CA VAL C 29 7.87 -10.77 12.79
C VAL C 29 8.18 -10.74 14.30
N ASP C 30 8.16 -11.88 15.00
CA ASP C 30 8.61 -11.77 16.39
C ASP C 30 10.12 -11.86 16.47
N GLU C 31 10.73 -11.22 17.48
CA GLU C 31 12.11 -11.50 17.83
C GLU C 31 12.23 -12.92 18.38
N TYR C 32 11.12 -13.47 18.90
CA TYR C 32 11.16 -14.81 19.45
C TYR C 32 11.15 -15.89 18.36
N ASP C 33 11.60 -15.56 17.17
CA ASP C 33 11.42 -16.44 16.02
C ASP C 33 12.73 -16.56 15.24
N PRO C 34 13.44 -17.69 15.27
CA PRO C 34 14.77 -17.75 14.64
C PRO C 34 14.71 -17.56 13.12
N THR C 35 15.60 -16.72 12.58
CA THR C 35 15.62 -16.44 11.16
C THR C 35 16.92 -16.98 10.56
N ILE C 36 16.93 -17.09 9.23
CA ILE C 36 18.07 -17.54 8.47
C ILE C 36 18.35 -16.47 7.43
N GLU C 37 19.54 -16.51 6.85
CA GLU C 37 19.79 -15.80 5.61
C GLU C 37 18.88 -16.44 4.55
N ASP C 38 18.26 -15.61 3.72
CA ASP C 38 17.38 -16.17 2.70
C ASP C 38 17.09 -15.15 1.62
N SER C 39 16.52 -15.63 0.51
CA SER C 39 16.14 -14.76 -0.58
C SER C 39 14.61 -14.74 -0.71
N TYR C 40 14.13 -13.61 -1.26
CA TYR C 40 12.70 -13.39 -1.42
C TYR C 40 12.44 -12.75 -2.78
N ARG C 41 11.23 -12.94 -3.30
CA ARG C 41 10.84 -12.25 -4.52
C ARG C 41 9.53 -11.51 -4.28
N LYS C 42 9.49 -10.25 -4.70
CA LYS C 42 8.24 -9.49 -4.71
C LYS C 42 8.01 -8.83 -6.07
N GLN C 43 6.79 -8.97 -6.59
CA GLN C 43 6.39 -8.23 -7.77
C GLN C 43 5.66 -6.95 -7.35
N VAL C 44 6.10 -5.80 -7.88
CA VAL C 44 5.57 -4.50 -7.51
C VAL C 44 5.61 -3.58 -8.73
N VAL C 45 4.82 -2.51 -8.71
CA VAL C 45 4.85 -1.49 -9.74
C VAL C 45 5.57 -0.26 -9.18
N ILE C 46 6.60 0.20 -9.88
CA ILE C 46 7.38 1.36 -9.43
C ILE C 46 7.52 2.32 -10.60
N ASP C 47 6.94 3.52 -10.44
CA ASP C 47 6.90 4.51 -11.50
C ASP C 47 6.32 3.92 -12.79
N GLY C 48 5.20 3.22 -12.68
CA GLY C 48 4.56 2.62 -13.84
C GLY C 48 5.25 1.37 -14.38
N GLU C 49 6.43 0.98 -13.89
CA GLU C 49 7.12 -0.19 -14.38
C GLU C 49 6.85 -1.37 -13.45
N THR C 50 6.44 -2.51 -14.02
CA THR C 50 6.25 -3.74 -13.28
C THR C 50 7.62 -4.36 -13.11
N CYS C 51 7.98 -4.59 -11.84
CA CYS C 51 9.31 -4.96 -11.43
C CYS C 51 9.24 -6.24 -10.60
N LEU C 52 10.32 -7.01 -10.67
CA LEU C 52 10.54 -8.13 -9.78
C LEU C 52 11.73 -7.79 -8.92
N LEU C 53 11.47 -7.65 -7.62
CA LEU C 53 12.53 -7.45 -6.64
C LEU C 53 13.00 -8.81 -6.11
N ASP C 54 14.24 -9.17 -6.45
CA ASP C 54 14.86 -10.37 -5.92
C ASP C 54 15.84 -9.95 -4.83
N ILE C 55 15.41 -10.17 -3.58
CA ILE C 55 16.04 -9.62 -2.40
C ILE C 55 16.76 -10.73 -1.63
N LEU C 56 18.02 -10.46 -1.30
CA LEU C 56 18.80 -11.32 -0.45
C LEU C 56 18.99 -10.67 0.91
N ASP C 57 18.47 -11.33 1.96
CA ASP C 57 18.57 -10.89 3.35
C ASP C 57 19.76 -11.62 3.98
N THR C 58 20.86 -10.89 4.23
CA THR C 58 22.12 -11.44 4.70
C THR C 58 22.26 -11.16 6.19
N ALA C 59 23.04 -11.99 6.88
CA ALA C 59 23.18 -11.85 8.32
C ALA C 59 24.57 -11.35 8.65
N GLY C 60 25.58 -11.88 7.96
CA GLY C 60 26.94 -11.86 8.46
C GLY C 60 27.84 -11.03 7.57
N GLN C 61 29.07 -10.84 8.03
CA GLN C 61 30.07 -10.10 7.26
C GLN C 61 31.44 -10.65 7.65
N GLU C 62 32.24 -10.99 6.64
CA GLU C 62 33.57 -11.55 6.85
C GLU C 62 34.47 -11.04 5.73
N GLU C 63 35.73 -10.74 6.08
CA GLU C 63 36.62 -10.12 5.11
C GLU C 63 36.96 -11.14 4.04
N TYR C 64 36.94 -12.43 4.40
N TYR C 64 37.03 -12.42 4.45
CA TYR C 64 37.09 -13.50 3.42
CA TYR C 64 36.96 -13.47 3.46
C TYR C 64 35.90 -14.48 3.51
C TYR C 64 35.71 -14.32 3.66
N SER C 65 34.94 -14.35 2.57
CA SER C 65 34.01 -15.42 2.21
C SER C 65 33.81 -15.39 0.69
N ALA C 66 34.18 -16.49 -0.02
CA ALA C 66 33.94 -16.55 -1.45
C ALA C 66 32.46 -16.39 -1.79
N MET C 67 31.58 -17.01 -0.99
CA MET C 67 30.17 -16.95 -1.29
C MET C 67 29.61 -15.56 -1.03
N ARG C 68 30.09 -14.88 0.01
CA ARG C 68 29.58 -13.55 0.26
C ARG C 68 30.11 -12.61 -0.82
N ASP C 69 31.40 -12.75 -1.18
CA ASP C 69 31.91 -11.99 -2.30
C ASP C 69 31.03 -12.20 -3.54
N GLN C 70 30.64 -13.45 -3.81
CA GLN C 70 29.85 -13.74 -5.00
C GLN C 70 28.52 -13.03 -4.97
N TYR C 71 27.81 -12.97 -3.84
CA TYR C 71 26.49 -12.33 -3.85
C TYR C 71 26.65 -10.82 -3.96
N MET C 72 27.80 -10.28 -3.56
CA MET C 72 28.05 -8.86 -3.74
C MET C 72 28.31 -8.56 -5.22
N ARG C 73 28.96 -9.48 -5.92
CA ARG C 73 29.21 -9.30 -7.34
C ARG C 73 27.91 -9.40 -8.11
N THR C 74 27.01 -10.31 -7.71
CA THR C 74 25.73 -10.51 -8.39
C THR C 74 24.79 -9.35 -8.08
N GLY C 75 24.82 -8.83 -6.85
CA GLY C 75 23.85 -7.84 -6.40
C GLY C 75 24.02 -6.55 -7.20
N GLU C 76 22.89 -5.91 -7.51
CA GLU C 76 22.91 -4.68 -8.29
C GLU C 76 22.83 -3.48 -7.37
N GLY C 77 22.15 -3.64 -6.23
CA GLY C 77 22.01 -2.55 -5.29
C GLY C 77 21.96 -3.08 -3.87
N PHE C 78 22.34 -2.22 -2.92
CA PHE C 78 22.52 -2.61 -1.53
C PHE C 78 21.81 -1.63 -0.61
N LEU C 79 21.02 -2.17 0.31
CA LEU C 79 20.51 -1.43 1.43
C LEU C 79 21.52 -1.62 2.56
N CYS C 80 22.10 -0.53 3.00
CA CYS C 80 23.04 -0.52 4.10
C CYS C 80 22.29 0.00 5.32
N VAL C 81 21.98 -0.92 6.24
CA VAL C 81 21.05 -0.64 7.33
C VAL C 81 21.82 -0.47 8.64
N PHE C 82 21.49 0.57 9.38
CA PHE C 82 21.84 0.67 10.78
C PHE C 82 20.56 0.90 11.58
N ALA C 83 20.70 0.87 12.92
CA ALA C 83 19.60 1.20 13.81
C ALA C 83 19.88 2.53 14.51
N ILE C 84 18.87 3.40 14.57
CA ILE C 84 19.07 4.78 15.03
C ILE C 84 19.31 4.81 16.53
N ASN C 85 19.14 3.65 17.23
CA ASN C 85 19.42 3.58 18.65
C ASN C 85 20.73 2.83 18.92
N ASN C 86 21.57 2.62 17.89
CA ASN C 86 22.78 1.84 18.01
C ASN C 86 23.91 2.52 17.23
N THR C 87 24.71 3.30 17.95
CA THR C 87 25.79 4.08 17.36
C THR C 87 26.79 3.18 16.64
N LYS C 88 27.07 2.01 17.23
CA LYS C 88 28.04 1.09 16.66
C LYS C 88 27.61 0.65 15.26
N SER C 89 26.33 0.30 15.11
CA SER C 89 25.80 -0.13 13.84
C SER C 89 26.01 0.97 12.78
N PHE C 90 25.91 2.24 13.20
CA PHE C 90 26.12 3.36 12.28
C PHE C 90 27.60 3.49 11.92
N GLU C 91 28.48 3.33 12.89
CA GLU C 91 29.92 3.38 12.66
C GLU C 91 30.39 2.25 11.74
N ASP C 92 29.69 1.11 11.75
CA ASP C 92 30.05 -0.03 10.92
C ASP C 92 29.66 0.17 9.45
N ILE C 93 28.75 1.10 9.14
CA ILE C 93 28.28 1.30 7.78
C ILE C 93 29.46 1.48 6.82
N HIS C 94 30.40 2.34 7.21
CA HIS C 94 31.61 2.61 6.43
C HIS C 94 32.24 1.30 5.93
N HIS C 95 32.37 0.30 6.82
CA HIS C 95 32.99 -0.97 6.48
C HIS C 95 32.16 -1.74 5.46
N TYR C 96 30.83 -1.72 5.58
CA TYR C 96 29.97 -2.43 4.64
C TYR C 96 30.14 -1.81 3.26
N ARG C 97 30.05 -0.48 3.19
N ARG C 97 30.05 -0.48 3.19
CA ARG C 97 30.17 0.23 1.92
CA ARG C 97 30.16 0.24 1.93
C ARG C 97 31.52 -0.01 1.27
C ARG C 97 31.52 -0.02 1.27
N GLU C 98 32.60 0.08 2.05
CA GLU C 98 33.95 -0.11 1.53
C GLU C 98 34.13 -1.51 0.95
N GLN C 99 33.62 -2.51 1.69
CA GLN C 99 33.71 -3.89 1.25
C GLN C 99 32.98 -4.09 -0.08
N ILE C 100 31.77 -3.52 -0.22
CA ILE C 100 31.01 -3.67 -1.45
C ILE C 100 31.75 -3.02 -2.63
N LYS C 101 32.30 -1.81 -2.41
CA LYS C 101 33.04 -1.12 -3.47
C LYS C 101 34.27 -1.92 -3.86
N ARG C 102 34.98 -2.47 -2.87
CA ARG C 102 36.19 -3.23 -3.15
C ARG C 102 35.83 -4.47 -3.97
N VAL C 103 34.80 -5.22 -3.57
CA VAL C 103 34.48 -6.48 -4.21
C VAL C 103 33.94 -6.24 -5.62
N LYS C 104 33.14 -5.18 -5.81
CA LYS C 104 32.59 -4.89 -7.13
C LYS C 104 33.55 -4.02 -7.96
N ASP C 105 34.64 -3.58 -7.33
CA ASP C 105 35.70 -2.83 -7.99
C ASP C 105 35.12 -1.60 -8.68
N SER C 106 34.36 -0.81 -7.92
CA SER C 106 33.61 0.30 -8.49
C SER C 106 33.36 1.37 -7.43
N GLU C 107 33.42 2.63 -7.84
CA GLU C 107 33.05 3.76 -7.00
C GLU C 107 31.57 4.10 -7.17
N ASP C 108 30.85 3.40 -8.07
N ASP C 108 30.90 3.43 -8.12
CA ASP C 108 29.47 3.74 -8.40
CA ASP C 108 29.50 3.66 -8.41
C ASP C 108 28.54 2.53 -8.20
C ASP C 108 28.72 2.37 -8.22
N VAL C 109 28.34 2.13 -6.95
CA VAL C 109 27.46 1.02 -6.66
C VAL C 109 26.15 1.60 -6.15
N PRO C 110 24.99 1.25 -6.73
CA PRO C 110 23.70 1.64 -6.15
C PRO C 110 23.57 1.22 -4.69
N MET C 111 23.28 2.22 -3.85
CA MET C 111 23.12 1.98 -2.42
C MET C 111 22.15 3.01 -1.84
N VAL C 112 21.50 2.60 -0.75
CA VAL C 112 20.68 3.46 0.06
C VAL C 112 21.05 3.22 1.52
N LEU C 113 21.26 4.31 2.26
CA LEU C 113 21.49 4.25 3.70
C LEU C 113 20.13 4.22 4.39
N VAL C 114 19.91 3.22 5.23
CA VAL C 114 18.66 3.05 5.95
C VAL C 114 18.92 3.13 7.46
N GLY C 115 18.26 4.09 8.10
CA GLY C 115 18.20 4.22 9.54
C GLY C 115 16.90 3.64 10.07
N ASN C 116 16.98 2.43 10.63
CA ASN C 116 15.83 1.66 11.04
C ASN C 116 15.60 1.84 12.54
N LYS C 117 14.40 1.44 12.98
CA LYS C 117 13.91 1.53 14.35
C LYS C 117 13.55 2.97 14.73
N CYS C 118 13.03 3.76 13.76
N CYS C 118 13.03 3.76 13.77
CA CYS C 118 12.70 5.15 14.02
CA CYS C 118 12.72 5.16 14.04
C CYS C 118 11.47 5.32 14.91
C CYS C 118 11.49 5.32 14.94
N ASP C 119 10.79 4.22 15.24
CA ASP C 119 9.69 4.25 16.21
C ASP C 119 10.20 4.33 17.66
N LEU C 120 11.47 4.04 17.89
CA LEU C 120 12.02 4.01 19.25
C LEU C 120 12.44 5.40 19.72
N PRO C 121 12.11 5.74 20.97
CA PRO C 121 12.52 7.02 21.54
C PRO C 121 14.01 7.15 21.85
N SER C 122 14.77 6.06 21.89
CA SER C 122 16.09 6.04 22.50
C SER C 122 17.20 6.34 21.47
N ARG C 123 16.96 7.33 20.62
CA ARG C 123 17.80 7.58 19.47
C ARG C 123 19.19 8.06 19.88
N THR C 124 20.23 7.48 19.31
CA THR C 124 21.61 7.91 19.56
C THR C 124 22.26 8.41 18.28
N VAL C 125 21.65 8.19 17.11
CA VAL C 125 22.20 8.72 15.87
C VAL C 125 21.21 9.76 15.36
N ASP C 126 21.70 10.99 15.22
CA ASP C 126 20.84 12.08 14.76
C ASP C 126 20.55 11.89 13.27
N THR C 127 19.34 12.26 12.85
CA THR C 127 18.97 12.35 11.44
C THR C 127 20.02 13.11 10.63
N LYS C 128 20.44 14.26 11.15
CA LYS C 128 21.33 15.16 10.41
C LYS C 128 22.67 14.48 10.15
N GLN C 129 23.14 13.74 11.14
CA GLN C 129 24.39 13.02 11.04
C GLN C 129 24.30 11.98 9.93
N ALA C 130 23.18 11.27 9.86
CA ALA C 130 23.05 10.23 8.83
C ALA C 130 22.85 10.88 7.46
N GLN C 131 22.13 12.01 7.42
CA GLN C 131 21.99 12.75 6.18
C GLN C 131 23.35 13.24 5.68
N ASP C 132 24.19 13.74 6.58
CA ASP C 132 25.52 14.20 6.20
C ASP C 132 26.34 13.05 5.62
N LEU C 133 26.26 11.86 6.24
CA LEU C 133 27.04 10.74 5.76
C LEU C 133 26.56 10.34 4.37
N ALA C 134 25.24 10.25 4.19
CA ALA C 134 24.68 9.84 2.91
C ALA C 134 25.08 10.83 1.82
N ARG C 135 25.03 12.12 2.15
CA ARG C 135 25.41 13.18 1.23
C ARG C 135 26.87 13.03 0.83
N SER C 136 27.75 12.66 1.76
CA SER C 136 29.18 12.53 1.47
C SER C 136 29.41 11.31 0.58
N TYR C 137 28.48 10.35 0.62
CA TYR C 137 28.59 9.16 -0.21
C TYR C 137 27.90 9.37 -1.55
N GLY C 138 27.11 10.44 -1.66
CA GLY C 138 26.24 10.71 -2.79
C GLY C 138 25.08 9.72 -2.91
N ILE C 139 24.47 9.30 -1.79
CA ILE C 139 23.39 8.31 -1.85
C ILE C 139 22.21 8.79 -1.02
N PRO C 140 21.00 8.25 -1.25
CA PRO C 140 19.84 8.58 -0.42
C PRO C 140 19.98 8.02 0.99
N PHE C 141 19.34 8.73 1.92
CA PHE C 141 19.10 8.28 3.27
C PHE C 141 17.60 8.19 3.47
N ILE C 142 17.13 7.05 3.99
CA ILE C 142 15.74 6.82 4.33
C ILE C 142 15.68 6.33 5.78
N GLU C 143 14.81 6.93 6.59
CA GLU C 143 14.47 6.45 7.90
C GLU C 143 13.29 5.47 7.82
N THR C 144 13.40 4.36 8.54
CA THR C 144 12.41 3.30 8.49
C THR C 144 12.07 2.82 9.89
N SER C 145 10.86 2.25 9.98
CA SER C 145 10.47 1.39 11.09
C SER C 145 9.88 0.13 10.48
N ALA C 146 10.57 -0.99 10.66
CA ALA C 146 10.03 -2.30 10.31
C ALA C 146 8.82 -2.60 11.17
N LYS C 147 8.77 -2.01 12.37
CA LYS C 147 7.68 -2.27 13.27
C LYS C 147 6.38 -1.58 12.79
N THR C 148 6.44 -0.29 12.45
CA THR C 148 5.23 0.41 12.04
C THR C 148 5.03 0.30 10.53
N ARG C 149 6.08 -0.04 9.79
CA ARG C 149 6.14 -0.12 8.34
C ARG C 149 6.49 1.23 7.68
N GLN C 150 6.67 2.27 8.48
CA GLN C 150 7.12 3.56 7.98
C GLN C 150 8.39 3.39 7.14
N GLY C 151 8.36 3.89 5.91
CA GLY C 151 9.54 4.00 5.07
C GLY C 151 9.98 2.70 4.39
N VAL C 152 9.33 1.59 4.69
CA VAL C 152 9.81 0.31 4.20
C VAL C 152 9.75 0.24 2.66
N ASP C 153 8.60 0.53 2.08
CA ASP C 153 8.50 0.55 0.64
C ASP C 153 9.50 1.56 0.05
N ASP C 154 9.59 2.72 0.68
CA ASP C 154 10.45 3.80 0.23
C ASP C 154 11.90 3.34 0.09
N ALA C 155 12.40 2.65 1.10
CA ALA C 155 13.77 2.19 1.10
C ALA C 155 14.05 1.28 -0.10
N PHE C 156 13.19 0.29 -0.35
CA PHE C 156 13.42 -0.65 -1.46
C PHE C 156 13.19 0.04 -2.80
N TYR C 157 12.11 0.83 -2.93
CA TYR C 157 11.79 1.45 -4.20
C TYR C 157 12.88 2.47 -4.57
N THR C 158 13.40 3.21 -3.56
CA THR C 158 14.44 4.18 -3.78
C THR C 158 15.67 3.46 -4.33
N LEU C 159 15.98 2.28 -3.78
CA LEU C 159 17.13 1.52 -4.23
C LEU C 159 16.94 1.11 -5.68
N VAL C 160 15.71 0.70 -6.04
CA VAL C 160 15.42 0.41 -7.44
C VAL C 160 15.74 1.62 -8.32
N ARG C 161 15.32 2.80 -7.90
CA ARG C 161 15.54 3.99 -8.71
C ARG C 161 17.04 4.30 -8.84
N GLU C 162 17.81 4.01 -7.77
CA GLU C 162 19.26 4.20 -7.82
C GLU C 162 19.89 3.22 -8.84
N ILE C 163 19.37 1.99 -8.89
CA ILE C 163 19.85 1.08 -9.90
C ILE C 163 19.55 1.63 -11.30
N ARG C 164 18.34 2.17 -11.49
CA ARG C 164 18.00 2.74 -12.79
C ARG C 164 18.92 3.89 -13.19
N LYS C 165 19.21 4.81 -12.28
CA LYS C 165 20.11 5.91 -12.57
C LYS C 165 21.49 5.35 -12.96
N HIS C 166 21.98 4.35 -12.24
CA HIS C 166 23.27 3.76 -12.53
C HIS C 166 23.28 3.18 -13.94
N LYS C 167 22.25 2.41 -14.29
CA LYS C 167 22.15 1.86 -15.63
C LYS C 167 22.13 2.97 -16.70
N GLU C 168 21.44 4.09 -16.43
N GLU C 168 21.44 4.08 -16.42
CA GLU C 168 21.36 5.21 -17.35
CA GLU C 168 21.36 5.18 -17.37
C GLU C 168 22.72 5.86 -17.54
C GLU C 168 22.73 5.85 -17.54
N LYS C 169 23.48 5.98 -16.45
CA LYS C 169 24.78 6.61 -16.46
C LYS C 169 25.78 5.71 -17.19
N MET C 170 25.56 4.39 -17.13
N MET C 170 25.56 4.39 -17.12
CA MET C 170 26.43 3.45 -17.82
CA MET C 170 26.41 3.42 -17.82
C MET C 170 26.19 3.50 -19.33
C MET C 170 26.19 3.49 -19.33
N SER C 171 24.93 3.67 -19.76
CA SER C 171 24.64 3.69 -21.21
C SER C 171 25.18 4.96 -21.87
N LYS C 172 25.15 6.07 -21.11
CA LYS C 172 25.70 7.34 -21.57
C LYS C 172 27.21 7.19 -21.73
N ASP C 173 27.87 6.66 -20.69
CA ASP C 173 29.30 6.38 -20.74
C ASP C 173 29.58 5.39 -21.86
N GLY C 174 28.79 4.30 -21.88
CA GLY C 174 28.98 3.16 -22.77
C GLY C 174 28.96 3.51 -24.26
N LYS C 175 28.68 4.78 -24.57
CA LYS C 175 28.90 5.29 -25.92
C LYS C 175 30.23 6.05 -25.94
N MET D 1 -8.34 -18.04 -7.44
CA MET D 1 -8.84 -17.04 -6.46
C MET D 1 -9.51 -17.75 -5.30
N THR D 2 -8.84 -17.76 -4.15
CA THR D 2 -9.36 -18.41 -2.96
C THR D 2 -10.21 -17.38 -2.22
N GLU D 3 -11.39 -17.79 -1.79
CA GLU D 3 -12.22 -16.98 -0.91
C GLU D 3 -11.89 -17.33 0.53
N TYR D 4 -11.81 -16.30 1.36
CA TYR D 4 -11.65 -16.44 2.80
C TYR D 4 -12.82 -15.74 3.47
N LYS D 5 -13.47 -16.43 4.42
CA LYS D 5 -14.64 -15.88 5.10
C LYS D 5 -14.22 -15.41 6.50
N LEU D 6 -14.14 -14.08 6.69
CA LEU D 6 -13.61 -13.48 7.89
C LEU D 6 -14.73 -12.79 8.66
N VAL D 7 -14.65 -12.84 9.99
CA VAL D 7 -15.57 -12.14 10.86
C VAL D 7 -14.78 -11.33 11.87
N VAL D 8 -15.21 -10.07 12.06
CA VAL D 8 -14.58 -9.17 13.01
C VAL D 8 -15.50 -9.03 14.21
N VAL D 9 -15.01 -9.44 15.40
CA VAL D 9 -15.79 -9.40 16.62
C VAL D 9 -15.00 -8.72 17.74
N GLY D 10 -15.72 -8.38 18.81
CA GLY D 10 -15.16 -7.73 19.98
C GLY D 10 -16.12 -6.70 20.57
N ALA D 11 -15.79 -6.21 21.78
CA ALA D 11 -16.67 -5.29 22.49
C ALA D 11 -16.98 -4.02 21.70
N GLY D 12 -18.05 -3.34 22.09
CA GLY D 12 -18.49 -2.10 21.46
C GLY D 12 -17.42 -1.01 21.52
N GLY D 13 -17.15 -0.37 20.38
CA GLY D 13 -16.33 0.83 20.38
C GLY D 13 -14.83 0.55 20.30
N VAL D 14 -14.40 -0.72 20.13
CA VAL D 14 -12.97 -1.02 20.08
C VAL D 14 -12.36 -0.68 18.73
N GLY D 15 -13.18 -0.53 17.68
CA GLY D 15 -12.68 -0.15 16.36
C GLY D 15 -12.85 -1.20 15.26
N LYS D 16 -13.82 -2.09 15.43
CA LYS D 16 -14.06 -3.15 14.44
C LYS D 16 -14.39 -2.54 13.08
N SER D 17 -15.36 -1.61 13.07
CA SER D 17 -15.77 -0.94 11.85
C SER D 17 -14.62 -0.11 11.26
N ALA D 18 -13.91 0.64 12.13
CA ALA D 18 -12.81 1.47 11.67
C ALA D 18 -11.73 0.62 11.00
N LEU D 19 -11.44 -0.56 11.57
CA LEU D 19 -10.44 -1.45 11.00
C LEU D 19 -10.86 -1.93 9.61
N THR D 20 -12.12 -2.34 9.50
CA THR D 20 -12.64 -2.89 8.27
C THR D 20 -12.65 -1.81 7.19
N ILE D 21 -13.12 -0.62 7.53
CA ILE D 21 -13.25 0.44 6.54
C ILE D 21 -11.89 0.94 6.10
N GLN D 22 -10.90 0.91 6.98
CA GLN D 22 -9.54 1.23 6.58
C GLN D 22 -9.02 0.20 5.58
N LEU D 23 -9.31 -1.08 5.84
CA LEU D 23 -8.90 -2.11 4.91
C LEU D 23 -9.56 -1.92 3.55
N ILE D 24 -10.87 -1.69 3.54
CA ILE D 24 -11.64 -1.68 2.30
C ILE D 24 -11.48 -0.37 1.56
N GLN D 25 -11.58 0.78 2.26
CA GLN D 25 -11.71 2.07 1.61
C GLN D 25 -10.48 2.93 1.82
N ASN D 26 -9.54 2.52 2.66
CA ASN D 26 -8.39 3.37 2.98
C ASN D 26 -8.85 4.68 3.62
N HIS D 27 -9.90 4.57 4.43
CA HIS D 27 -10.54 5.75 4.99
C HIS D 27 -10.68 5.56 6.50
N PHE D 28 -10.42 6.61 7.25
CA PHE D 28 -10.65 6.50 8.68
C PHE D 28 -11.99 7.17 9.02
N VAL D 29 -12.95 6.36 9.56
CA VAL D 29 -14.20 6.87 10.12
C VAL D 29 -14.09 7.31 11.60
N ASP D 30 -14.47 8.57 11.81
N ASP D 30 -14.33 8.62 11.84
CA ASP D 30 -14.54 9.17 13.14
CA ASP D 30 -14.54 9.16 13.19
C ASP D 30 -15.92 8.98 13.77
C ASP D 30 -15.95 8.80 13.71
N GLU D 31 -16.07 9.61 14.94
N GLU D 31 -16.24 9.21 14.95
CA GLU D 31 -17.22 9.46 15.80
CA GLU D 31 -17.52 8.98 15.60
C GLU D 31 -18.51 9.90 15.11
C GLU D 31 -18.67 9.60 14.81
N TYR D 32 -18.40 10.62 13.99
CA TYR D 32 -19.50 11.36 13.42
C TYR D 32 -20.19 10.67 12.26
N ASP D 33 -20.00 9.37 12.03
CA ASP D 33 -20.68 8.73 10.91
C ASP D 33 -21.35 7.42 11.34
N PRO D 34 -22.69 7.31 11.40
CA PRO D 34 -23.34 6.08 11.82
C PRO D 34 -22.99 4.88 10.95
N THR D 35 -22.64 3.73 11.56
CA THR D 35 -22.37 2.52 10.81
C THR D 35 -23.47 1.50 11.10
N ILE D 36 -23.53 0.50 10.23
CA ILE D 36 -24.36 -0.66 10.44
C ILE D 36 -23.45 -1.87 10.44
N GLU D 37 -23.96 -2.98 10.97
CA GLU D 37 -23.33 -4.26 10.72
C GLU D 37 -23.44 -4.50 9.22
N ASP D 38 -22.36 -5.02 8.61
CA ASP D 38 -22.40 -5.18 7.18
C ASP D 38 -21.25 -6.07 6.75
N SER D 39 -21.34 -6.57 5.52
CA SER D 39 -20.29 -7.37 4.91
C SER D 39 -19.61 -6.61 3.76
N TYR D 40 -18.38 -7.00 3.48
CA TYR D 40 -17.52 -6.32 2.53
C TYR D 40 -16.71 -7.38 1.79
N ARG D 41 -16.29 -7.02 0.56
CA ARG D 41 -15.38 -7.87 -0.14
C ARG D 41 -14.17 -7.08 -0.59
N LYS D 42 -12.97 -7.62 -0.29
CA LYS D 42 -11.74 -7.06 -0.86
C LYS D 42 -10.92 -8.11 -1.58
N GLN D 43 -10.48 -7.77 -2.79
CA GLN D 43 -9.51 -8.58 -3.50
C GLN D 43 -8.09 -8.08 -3.18
N VAL D 44 -7.21 -8.97 -2.72
CA VAL D 44 -5.84 -8.63 -2.36
C VAL D 44 -4.92 -9.77 -2.75
N VAL D 45 -3.62 -9.47 -2.90
CA VAL D 45 -2.61 -10.49 -3.10
C VAL D 45 -1.89 -10.73 -1.78
N ILE D 46 -1.80 -12.00 -1.35
CA ILE D 46 -1.16 -12.36 -0.10
C ILE D 46 -0.23 -13.53 -0.38
N ASP D 47 1.06 -13.33 -0.15
CA ASP D 47 2.07 -14.34 -0.49
C ASP D 47 1.92 -14.83 -1.92
N GLY D 48 1.74 -13.91 -2.87
CA GLY D 48 1.61 -14.29 -4.28
C GLY D 48 0.25 -14.89 -4.66
N GLU D 49 -0.66 -15.13 -3.71
CA GLU D 49 -1.96 -15.71 -4.01
C GLU D 49 -2.99 -14.58 -4.07
N THR D 50 -3.78 -14.54 -5.15
CA THR D 50 -4.88 -13.60 -5.27
C THR D 50 -6.05 -14.17 -4.47
N CYS D 51 -6.53 -13.37 -3.52
CA CYS D 51 -7.49 -13.78 -2.51
C CYS D 51 -8.70 -12.86 -2.53
N LEU D 52 -9.85 -13.42 -2.18
CA LEU D 52 -11.07 -12.66 -1.97
C LEU D 52 -11.40 -12.77 -0.50
N LEU D 53 -11.37 -11.65 0.17
CA LEU D 53 -11.70 -11.57 1.58
C LEU D 53 -13.15 -11.14 1.69
N ASP D 54 -14.00 -12.05 2.19
CA ASP D 54 -15.39 -11.76 2.46
C ASP D 54 -15.53 -11.54 3.97
N ILE D 55 -15.66 -10.26 4.34
CA ILE D 55 -15.49 -9.80 5.71
C ILE D 55 -16.82 -9.35 6.25
N LEU D 56 -17.17 -9.89 7.43
CA LEU D 56 -18.36 -9.46 8.16
C LEU D 56 -17.95 -8.62 9.37
N ASP D 57 -18.40 -7.34 9.37
CA ASP D 57 -18.20 -6.39 10.45
C ASP D 57 -19.40 -6.43 11.38
N THR D 58 -19.22 -7.00 12.59
CA THR D 58 -20.30 -7.24 13.52
C THR D 58 -20.25 -6.20 14.64
N ALA D 59 -21.40 -5.97 15.26
CA ALA D 59 -21.44 -5.16 16.48
C ALA D 59 -20.95 -5.95 17.69
N GLY D 60 -20.43 -5.20 18.67
CA GLY D 60 -20.13 -5.74 19.99
C GLY D 60 -21.34 -6.45 20.61
N GLN D 61 -21.16 -7.69 21.10
CA GLN D 61 -22.29 -8.56 21.39
C GLN D 61 -22.54 -8.72 22.88
N GLU D 62 -23.79 -8.52 23.26
CA GLU D 62 -24.19 -8.56 24.66
C GLU D 62 -25.18 -9.67 24.94
N GLU D 63 -25.76 -10.27 23.89
CA GLU D 63 -26.86 -11.20 24.06
C GLU D 63 -26.60 -12.46 23.25
N TYR D 64 -27.12 -13.59 23.75
CA TYR D 64 -27.26 -14.78 22.95
C TYR D 64 -28.09 -14.45 21.72
N SER D 65 -27.61 -14.90 20.56
CA SER D 65 -28.34 -14.78 19.32
C SER D 65 -28.11 -15.97 18.39
N ALA D 66 -29.20 -16.55 17.91
CA ALA D 66 -29.15 -17.65 16.96
C ALA D 66 -28.55 -17.19 15.64
N MET D 67 -28.88 -15.97 15.21
CA MET D 67 -28.31 -15.45 13.96
C MET D 67 -26.82 -15.21 14.11
N ARG D 68 -26.38 -14.74 15.28
CA ARG D 68 -24.96 -14.53 15.45
C ARG D 68 -24.24 -15.87 15.51
N ASP D 69 -24.82 -16.87 16.21
CA ASP D 69 -24.29 -18.21 16.14
C ASP D 69 -24.15 -18.65 14.67
N GLN D 70 -25.15 -18.39 13.83
CA GLN D 70 -25.06 -18.83 12.43
C GLN D 70 -23.86 -18.20 11.71
N TYR D 71 -23.57 -16.91 11.91
CA TYR D 71 -22.46 -16.32 11.16
C TYR D 71 -21.13 -16.83 11.72
N MET D 72 -21.11 -17.25 12.98
CA MET D 72 -19.90 -17.86 13.53
C MET D 72 -19.68 -19.25 12.93
N ARG D 73 -20.76 -19.98 12.66
CA ARG D 73 -20.64 -21.27 11.98
C ARG D 73 -20.11 -21.08 10.56
N THR D 74 -20.56 -20.04 9.85
CA THR D 74 -20.13 -19.79 8.47
C THR D 74 -18.67 -19.28 8.44
N GLY D 75 -18.28 -18.46 9.42
CA GLY D 75 -16.98 -17.82 9.37
C GLY D 75 -15.83 -18.83 9.47
N GLU D 76 -14.75 -18.60 8.72
CA GLU D 76 -13.60 -19.49 8.75
C GLU D 76 -12.53 -18.97 9.70
N GLY D 77 -12.47 -17.65 9.87
CA GLY D 77 -11.51 -17.07 10.79
C GLY D 77 -12.07 -15.80 11.41
N PHE D 78 -11.53 -15.46 12.58
CA PHE D 78 -12.06 -14.37 13.38
C PHE D 78 -10.95 -13.43 13.84
N LEU D 79 -11.20 -12.13 13.68
CA LEU D 79 -10.39 -11.11 14.30
C LEU D 79 -11.09 -10.78 15.61
N CYS D 80 -10.40 -11.05 16.72
CA CYS D 80 -10.92 -10.74 18.04
C CYS D 80 -10.24 -9.47 18.52
N VAL D 81 -10.99 -8.37 18.49
CA VAL D 81 -10.44 -7.02 18.67
C VAL D 81 -10.75 -6.50 20.07
N PHE D 82 -9.75 -5.93 20.72
CA PHE D 82 -9.95 -5.10 21.89
C PHE D 82 -9.23 -3.76 21.62
N ALA D 83 -9.44 -2.80 22.52
CA ALA D 83 -8.74 -1.52 22.49
C ALA D 83 -7.73 -1.45 23.64
N ILE D 84 -6.51 -1.03 23.35
CA ILE D 84 -5.42 -1.09 24.30
C ILE D 84 -5.61 -0.08 25.42
N ASN D 85 -6.59 0.83 25.30
CA ASN D 85 -6.90 1.80 26.34
C ASN D 85 -8.19 1.44 27.07
N ASN D 86 -8.67 0.21 26.92
CA ASN D 86 -9.91 -0.23 27.53
C ASN D 86 -9.76 -1.66 28.07
N THR D 87 -9.46 -1.78 29.36
CA THR D 87 -9.24 -3.05 30.01
C THR D 87 -10.46 -3.97 29.87
N LYS D 88 -11.66 -3.40 29.97
CA LYS D 88 -12.87 -4.19 29.89
C LYS D 88 -12.94 -4.91 28.54
N SER D 89 -12.65 -4.19 27.46
CA SER D 89 -12.68 -4.77 26.13
C SER D 89 -11.72 -5.96 26.07
N PHE D 90 -10.60 -5.89 26.79
CA PHE D 90 -9.62 -6.97 26.80
C PHE D 90 -10.15 -8.16 27.58
N GLU D 91 -10.77 -7.90 28.73
CA GLU D 91 -11.40 -8.93 29.54
C GLU D 91 -12.54 -9.63 28.80
N ASP D 92 -13.23 -8.95 27.88
CA ASP D 92 -14.35 -9.52 27.13
C ASP D 92 -13.88 -10.47 26.03
N ILE D 93 -12.61 -10.41 25.64
CA ILE D 93 -12.09 -11.28 24.60
C ILE D 93 -12.41 -12.74 24.88
N HIS D 94 -12.18 -13.15 26.13
CA HIS D 94 -12.46 -14.50 26.58
C HIS D 94 -13.86 -14.95 26.15
N HIS D 95 -14.87 -14.10 26.33
N HIS D 95 -14.85 -14.09 26.29
CA HIS D 95 -16.26 -14.41 25.97
CA HIS D 95 -16.23 -14.45 25.98
C HIS D 95 -16.40 -14.64 24.46
C HIS D 95 -16.40 -14.65 24.47
N TYR D 96 -15.74 -13.82 23.65
CA TYR D 96 -15.87 -13.93 22.20
C TYR D 96 -15.23 -15.24 21.77
N ARG D 97 -14.03 -15.53 22.27
CA ARG D 97 -13.32 -16.75 21.93
C ARG D 97 -14.11 -17.98 22.35
N GLU D 98 -14.67 -17.98 23.57
N GLU D 98 -14.69 -17.94 23.55
CA GLU D 98 -15.43 -19.12 24.07
CA GLU D 98 -15.44 -19.07 24.10
C GLU D 98 -16.65 -19.37 23.18
C GLU D 98 -16.67 -19.35 23.25
N GLN D 99 -17.33 -18.29 22.79
CA GLN D 99 -18.51 -18.41 21.95
C GLN D 99 -18.16 -19.02 20.58
N ILE D 100 -17.04 -18.61 19.99
CA ILE D 100 -16.62 -19.14 18.71
C ILE D 100 -16.31 -20.64 18.85
N LYS D 101 -15.59 -21.01 19.91
CA LYS D 101 -15.23 -22.40 20.13
C LYS D 101 -16.48 -23.25 20.36
N ARG D 102 -17.45 -22.72 21.11
CA ARG D 102 -18.70 -23.43 21.36
C ARG D 102 -19.40 -23.69 20.03
N VAL D 103 -19.58 -22.65 19.20
CA VAL D 103 -20.39 -22.77 18.00
C VAL D 103 -19.71 -23.71 17.01
N LYS D 104 -18.38 -23.60 16.88
CA LYS D 104 -17.65 -24.34 15.88
C LYS D 104 -17.18 -25.67 16.44
N ASP D 105 -17.38 -25.86 17.75
CA ASP D 105 -17.08 -27.10 18.42
C ASP D 105 -15.64 -27.52 18.14
N SER D 106 -14.71 -26.60 18.41
CA SER D 106 -13.32 -26.80 18.05
C SER D 106 -12.43 -25.94 18.94
N GLU D 107 -11.26 -26.49 19.27
CA GLU D 107 -10.22 -25.79 20.00
C GLU D 107 -9.28 -25.06 19.03
N ASP D 108 -9.48 -25.25 17.71
CA ASP D 108 -8.49 -24.99 16.68
C ASP D 108 -9.13 -24.12 15.58
N VAL D 109 -9.73 -22.99 15.94
CA VAL D 109 -10.38 -22.13 14.98
C VAL D 109 -9.42 -21.01 14.63
N PRO D 110 -9.15 -20.72 13.34
CA PRO D 110 -8.33 -19.57 12.97
C PRO D 110 -8.80 -18.28 13.61
N MET D 111 -7.88 -17.63 14.32
CA MET D 111 -8.17 -16.40 15.04
C MET D 111 -6.87 -15.61 15.17
N VAL D 112 -7.06 -14.30 15.25
CA VAL D 112 -5.99 -13.36 15.56
C VAL D 112 -6.51 -12.43 16.63
N LEU D 113 -5.69 -12.20 17.64
CA LEU D 113 -5.98 -11.21 18.67
C LEU D 113 -5.46 -9.86 18.20
N VAL D 114 -6.33 -8.85 18.17
CA VAL D 114 -5.97 -7.53 17.69
C VAL D 114 -6.16 -6.50 18.81
N GLY D 115 -5.04 -5.84 19.15
CA GLY D 115 -5.06 -4.71 20.08
C GLY D 115 -5.03 -3.40 19.29
N ASN D 116 -6.21 -2.76 19.21
CA ASN D 116 -6.42 -1.59 18.39
C ASN D 116 -6.30 -0.32 19.23
N LYS D 117 -6.19 0.81 18.52
CA LYS D 117 -6.00 2.15 19.08
C LYS D 117 -4.60 2.35 19.68
N CYS D 118 -3.57 1.76 19.04
N CYS D 118 -3.58 1.73 19.07
CA CYS D 118 -2.21 1.90 19.53
CA CYS D 118 -2.21 1.90 19.55
C CYS D 118 -1.64 3.31 19.32
C CYS D 118 -1.66 3.31 19.35
N ASP D 119 -2.37 4.19 18.62
CA ASP D 119 -1.96 5.59 18.50
C ASP D 119 -2.32 6.41 19.75
N LEU D 120 -3.21 5.90 20.59
CA LEU D 120 -3.78 6.70 21.67
C LEU D 120 -2.93 6.67 22.93
N PRO D 121 -3.08 7.69 23.79
CA PRO D 121 -2.49 7.67 25.12
C PRO D 121 -3.30 6.76 26.06
N SER D 122 -2.84 6.71 27.31
CA SER D 122 -3.58 6.10 28.40
C SER D 122 -3.79 4.60 28.16
N ARG D 123 -2.75 3.95 27.64
CA ARG D 123 -2.71 2.50 27.45
C ARG D 123 -2.90 1.82 28.80
N THR D 124 -3.86 0.88 28.88
CA THR D 124 -4.09 0.14 30.12
C THR D 124 -3.80 -1.34 29.90
N VAL D 125 -3.67 -1.81 28.66
CA VAL D 125 -3.31 -3.20 28.43
C VAL D 125 -1.92 -3.21 27.81
N ASP D 126 -0.94 -3.77 28.51
CA ASP D 126 0.41 -3.77 27.97
C ASP D 126 0.50 -4.89 26.92
N THR D 127 1.38 -4.66 25.96
CA THR D 127 1.70 -5.58 24.89
C THR D 127 1.97 -6.99 25.42
N LYS D 128 2.77 -7.09 26.48
CA LYS D 128 3.22 -8.38 27.01
C LYS D 128 2.05 -9.19 27.51
N GLN D 129 1.11 -8.50 28.18
CA GLN D 129 -0.08 -9.14 28.69
C GLN D 129 -0.90 -9.71 27.53
N ALA D 130 -1.02 -8.96 26.44
CA ALA D 130 -1.83 -9.43 25.32
C ALA D 130 -1.09 -10.56 24.59
N GLN D 131 0.23 -10.46 24.51
CA GLN D 131 1.03 -11.51 23.89
C GLN D 131 0.89 -12.80 24.70
N ASP D 132 0.90 -12.71 26.03
CA ASP D 132 0.78 -13.89 26.87
C ASP D 132 -0.58 -14.54 26.63
N LEU D 133 -1.65 -13.74 26.53
CA LEU D 133 -2.97 -14.30 26.32
C LEU D 133 -3.01 -15.02 24.96
N ALA D 134 -2.50 -14.37 23.91
CA ALA D 134 -2.50 -14.93 22.57
C ALA D 134 -1.72 -16.25 22.57
N ARG D 135 -0.58 -16.28 23.25
CA ARG D 135 0.25 -17.46 23.35
C ARG D 135 -0.51 -18.59 24.02
N SER D 136 -1.31 -18.28 25.05
CA SER D 136 -2.04 -19.30 25.77
C SER D 136 -3.19 -19.82 24.90
N TYR D 137 -3.62 -19.03 23.92
CA TYR D 137 -4.67 -19.45 23.00
C TYR D 137 -4.08 -20.14 21.78
N GLY D 138 -2.74 -20.03 21.61
CA GLY D 138 -2.06 -20.49 20.42
C GLY D 138 -2.35 -19.66 19.17
N ILE D 139 -2.51 -18.33 19.29
CA ILE D 139 -2.85 -17.52 18.13
C ILE D 139 -1.92 -16.31 18.04
N PRO D 140 -1.78 -15.70 16.85
CA PRO D 140 -1.01 -14.44 16.73
C PRO D 140 -1.68 -13.27 17.44
N PHE D 141 -0.85 -12.35 17.90
CA PHE D 141 -1.28 -11.04 18.41
C PHE D 141 -0.71 -9.97 17.50
N ILE D 142 -1.57 -9.03 17.06
CA ILE D 142 -1.18 -7.87 16.26
C ILE D 142 -1.69 -6.61 16.93
N GLU D 143 -0.84 -5.58 17.07
CA GLU D 143 -1.23 -4.23 17.46
C GLU D 143 -1.56 -3.39 16.22
N THR D 144 -2.64 -2.61 16.30
CA THR D 144 -3.15 -1.86 15.17
C THR D 144 -3.57 -0.47 15.61
N SER D 145 -3.59 0.41 14.60
CA SER D 145 -4.31 1.68 14.68
C SER D 145 -5.13 1.81 13.41
N ALA D 146 -6.46 1.73 13.54
CA ALA D 146 -7.36 2.04 12.45
C ALA D 146 -7.22 3.49 12.04
N LYS D 147 -6.76 4.35 12.95
CA LYS D 147 -6.59 5.75 12.63
C LYS D 147 -5.39 5.97 11.72
N THR D 148 -4.21 5.42 12.06
CA THR D 148 -3.03 5.67 11.25
C THR D 148 -2.89 4.61 10.15
N ARG D 149 -3.59 3.47 10.30
CA ARG D 149 -3.53 2.32 9.41
C ARG D 149 -2.41 1.35 9.83
N GLN D 150 -1.65 1.68 10.88
CA GLN D 150 -0.60 0.79 11.31
C GLN D 150 -1.18 -0.57 11.65
N GLY D 151 -0.61 -1.62 11.04
CA GLY D 151 -0.93 -3.00 11.40
C GLY D 151 -2.21 -3.54 10.78
N VAL D 152 -2.98 -2.69 10.10
CA VAL D 152 -4.29 -3.08 9.61
C VAL D 152 -4.16 -4.21 8.61
N ASP D 153 -3.35 -4.03 7.59
CA ASP D 153 -3.16 -5.09 6.61
C ASP D 153 -2.62 -6.34 7.31
N ASP D 154 -1.66 -6.16 8.22
CA ASP D 154 -1.02 -7.27 8.92
C ASP D 154 -2.07 -8.15 9.63
N ALA D 155 -2.98 -7.51 10.35
CA ALA D 155 -4.03 -8.20 11.07
C ALA D 155 -4.88 -9.09 10.15
N PHE D 156 -5.38 -8.54 9.04
CA PHE D 156 -6.20 -9.32 8.11
C PHE D 156 -5.37 -10.38 7.37
N TYR D 157 -4.19 -10.02 6.89
CA TYR D 157 -3.37 -10.96 6.13
C TYR D 157 -2.95 -12.12 7.05
N THR D 158 -2.58 -11.82 8.30
CA THR D 158 -2.17 -12.85 9.25
C THR D 158 -3.33 -13.82 9.47
N LEU D 159 -4.56 -13.31 9.56
CA LEU D 159 -5.73 -14.17 9.74
C LEU D 159 -5.89 -15.07 8.52
N VAL D 160 -5.66 -14.53 7.32
CA VAL D 160 -5.71 -15.35 6.13
C VAL D 160 -4.71 -16.50 6.25
N ARG D 161 -3.49 -16.19 6.69
CA ARG D 161 -2.46 -17.22 6.76
C ARG D 161 -2.87 -18.27 7.81
N GLU D 162 -3.53 -17.87 8.90
CA GLU D 162 -4.02 -18.82 9.89
C GLU D 162 -5.07 -19.74 9.28
N ILE D 163 -5.97 -19.20 8.48
CA ILE D 163 -6.96 -20.04 7.81
C ILE D 163 -6.26 -21.04 6.89
N ARG D 164 -5.27 -20.55 6.14
CA ARG D 164 -4.55 -21.39 5.19
C ARG D 164 -3.87 -22.55 5.93
N LYS D 165 -3.17 -22.25 7.03
CA LYS D 165 -2.50 -23.29 7.80
C LYS D 165 -3.52 -24.32 8.28
N HIS D 166 -4.65 -23.85 8.80
CA HIS D 166 -5.68 -24.73 9.32
C HIS D 166 -6.18 -25.66 8.23
N LYS D 167 -6.49 -25.12 7.05
CA LYS D 167 -6.94 -25.93 5.93
C LYS D 167 -5.89 -26.97 5.55
N GLU D 168 -4.60 -26.59 5.57
CA GLU D 168 -3.53 -27.50 5.20
C GLU D 168 -3.37 -28.62 6.24
N LYS D 169 -3.56 -28.29 7.52
CA LYS D 169 -3.45 -29.24 8.60
C LYS D 169 -4.63 -30.21 8.56
N MET D 170 -5.79 -29.74 8.07
CA MET D 170 -6.97 -30.57 7.95
C MET D 170 -6.79 -31.59 6.82
N SER D 171 -6.15 -31.20 5.70
CA SER D 171 -6.01 -32.10 4.56
C SER D 171 -5.01 -33.21 4.86
N LYS D 172 -3.99 -32.95 5.69
CA LYS D 172 -3.08 -34.00 6.16
C LYS D 172 -3.83 -34.99 7.05
N ASP D 173 -4.52 -34.45 8.06
CA ASP D 173 -5.18 -35.24 9.08
C ASP D 173 -6.52 -35.77 8.53
N SER E 2 -24.09 -22.14 -9.12
CA SER E 2 -23.01 -21.51 -8.32
C SER E 2 -22.19 -20.60 -9.23
N ASP E 3 -21.72 -21.16 -10.34
CA ASP E 3 -21.08 -20.48 -11.45
C ASP E 3 -21.87 -19.23 -11.87
N LEU E 4 -23.08 -19.43 -12.43
CA LEU E 4 -23.87 -18.32 -12.95
C LEU E 4 -24.31 -17.41 -11.82
N GLY E 5 -24.60 -18.00 -10.65
CA GLY E 5 -25.04 -17.25 -9.48
C GLY E 5 -23.94 -16.29 -9.03
N LYS E 6 -22.71 -16.81 -8.94
CA LYS E 6 -21.56 -16.00 -8.52
C LYS E 6 -21.36 -14.87 -9.52
N LYS E 7 -21.49 -15.15 -10.82
CA LYS E 7 -21.30 -14.13 -11.84
C LYS E 7 -22.38 -13.06 -11.72
N LEU E 8 -23.60 -13.47 -11.36
CA LEU E 8 -24.71 -12.53 -11.26
C LEU E 8 -24.46 -11.59 -10.09
N LEU E 9 -23.98 -12.13 -8.97
CA LEU E 9 -23.68 -11.33 -7.80
C LEU E 9 -22.63 -10.27 -8.11
N GLU E 10 -21.55 -10.66 -8.80
CA GLU E 10 -20.47 -9.75 -9.15
C GLU E 10 -20.96 -8.72 -10.14
N ALA E 11 -21.76 -9.11 -11.15
CA ALA E 11 -22.27 -8.17 -12.12
C ALA E 11 -23.18 -7.15 -11.43
N ALA E 12 -23.99 -7.60 -10.48
CA ALA E 12 -24.91 -6.71 -9.80
C ALA E 12 -24.15 -5.70 -8.94
N ARG E 13 -23.12 -6.17 -8.22
N ARG E 13 -23.12 -6.17 -8.22
CA ARG E 13 -22.35 -5.29 -7.36
CA ARG E 13 -22.33 -5.31 -7.36
C ARG E 13 -21.63 -4.24 -8.20
C ARG E 13 -21.63 -4.25 -8.21
N ALA E 14 -21.12 -4.67 -9.37
CA ALA E 14 -20.31 -3.81 -10.22
C ALA E 14 -21.15 -2.92 -11.14
N GLY E 15 -22.48 -3.03 -11.11
CA GLY E 15 -23.33 -2.14 -11.92
C GLY E 15 -23.26 -2.44 -13.41
N GLN E 16 -23.06 -3.71 -13.79
CA GLN E 16 -23.03 -4.13 -15.19
C GLN E 16 -24.42 -4.56 -15.66
N ASP E 17 -25.21 -3.58 -16.10
CA ASP E 17 -26.62 -3.76 -16.45
C ASP E 17 -26.77 -4.86 -17.51
N ASP E 18 -25.97 -4.75 -18.57
CA ASP E 18 -26.06 -5.64 -19.72
C ASP E 18 -25.73 -7.08 -19.29
N GLU E 19 -24.69 -7.21 -18.46
CA GLU E 19 -24.21 -8.52 -18.04
C GLU E 19 -25.23 -9.19 -17.12
N VAL E 20 -25.90 -8.40 -16.27
CA VAL E 20 -26.98 -8.90 -15.43
C VAL E 20 -28.08 -9.50 -16.32
N ARG E 21 -28.46 -8.76 -17.37
CA ARG E 21 -29.53 -9.18 -18.27
C ARG E 21 -29.18 -10.51 -18.94
N ILE E 22 -27.94 -10.62 -19.44
CA ILE E 22 -27.47 -11.80 -20.15
C ILE E 22 -27.44 -13.00 -19.19
N LEU E 23 -26.92 -12.78 -17.98
CA LEU E 23 -26.86 -13.86 -17.00
C LEU E 23 -28.26 -14.37 -16.67
N MET E 24 -29.22 -13.45 -16.58
CA MET E 24 -30.57 -13.79 -16.21
C MET E 24 -31.24 -14.61 -17.32
N ALA E 25 -31.00 -14.20 -18.56
CA ALA E 25 -31.53 -14.90 -19.73
C ALA E 25 -31.00 -16.34 -19.79
N ASN E 26 -29.80 -16.60 -19.23
CA ASN E 26 -29.21 -17.93 -19.28
C ASN E 26 -29.47 -18.70 -17.98
N GLY E 27 -30.37 -18.17 -17.14
CA GLY E 27 -30.94 -18.93 -16.05
C GLY E 27 -30.19 -18.76 -14.73
N ALA E 28 -29.40 -17.70 -14.60
CA ALA E 28 -28.76 -17.43 -13.33
C ALA E 28 -29.85 -17.29 -12.27
N ASP E 29 -29.58 -17.86 -11.09
CA ASP E 29 -30.52 -17.84 -9.98
C ASP E 29 -30.58 -16.42 -9.44
N VAL E 30 -31.73 -15.77 -9.61
CA VAL E 30 -31.92 -14.38 -9.25
C VAL E 30 -31.73 -14.16 -7.74
N ASN E 31 -31.91 -15.22 -6.94
CA ASN E 31 -31.76 -15.16 -5.49
C ASN E 31 -30.54 -15.94 -5.00
N ALA E 32 -29.50 -16.05 -5.84
CA ALA E 32 -28.20 -16.56 -5.39
C ALA E 32 -27.73 -15.71 -4.21
N GLU E 33 -27.00 -16.36 -3.28
CA GLU E 33 -26.48 -15.69 -2.12
C GLU E 33 -24.97 -15.82 -2.07
N ASP E 34 -24.30 -14.72 -1.69
CA ASP E 34 -22.87 -14.76 -1.43
C ASP E 34 -22.64 -15.24 0.00
N THR E 35 -21.36 -15.24 0.40
CA THR E 35 -20.91 -15.79 1.67
C THR E 35 -21.78 -15.28 2.81
N TRP E 36 -22.03 -13.96 2.84
CA TRP E 36 -22.64 -13.34 3.99
C TRP E 36 -24.11 -13.02 3.72
N GLY E 37 -24.71 -13.80 2.82
CA GLY E 37 -26.16 -13.83 2.66
C GLY E 37 -26.71 -12.72 1.75
N SER E 38 -25.86 -12.01 0.98
CA SER E 38 -26.38 -10.98 0.10
C SER E 38 -26.89 -11.63 -1.19
N THR E 39 -28.06 -11.20 -1.65
CA THR E 39 -28.55 -11.53 -2.98
C THR E 39 -28.11 -10.44 -3.95
N PRO E 40 -28.25 -10.65 -5.28
CA PRO E 40 -28.00 -9.59 -6.26
C PRO E 40 -28.74 -8.30 -5.95
N LEU E 41 -29.96 -8.41 -5.43
CA LEU E 41 -30.78 -7.25 -5.10
C LEU E 41 -30.15 -6.47 -3.95
N HIS E 42 -29.64 -7.17 -2.93
CA HIS E 42 -28.92 -6.51 -1.84
C HIS E 42 -27.72 -5.73 -2.39
N LEU E 43 -26.93 -6.38 -3.25
CA LEU E 43 -25.69 -5.79 -3.74
C LEU E 43 -25.99 -4.61 -4.64
N ALA E 44 -27.06 -4.71 -5.45
CA ALA E 44 -27.43 -3.63 -6.34
C ALA E 44 -27.99 -2.43 -5.56
N ALA E 45 -28.82 -2.73 -4.55
CA ALA E 45 -29.45 -1.74 -3.70
C ALA E 45 -28.42 -0.93 -2.91
N LYS E 46 -27.41 -1.60 -2.34
CA LYS E 46 -26.44 -0.97 -1.47
C LYS E 46 -25.36 -0.24 -2.25
N THR E 47 -25.20 -0.50 -3.56
CA THR E 47 -24.22 0.23 -4.35
C THR E 47 -24.93 1.26 -5.23
N GLY E 48 -26.26 1.33 -5.17
CA GLY E 48 -27.00 2.42 -5.76
C GLY E 48 -27.31 2.22 -7.24
N HIS E 49 -27.38 0.97 -7.73
CA HIS E 49 -27.62 0.73 -9.14
C HIS E 49 -29.10 0.45 -9.39
N LEU E 50 -29.85 1.53 -9.66
CA LEU E 50 -31.31 1.50 -9.72
C LEU E 50 -31.83 0.55 -10.80
N GLU E 51 -31.24 0.60 -11.99
CA GLU E 51 -31.76 -0.10 -13.16
C GLU E 51 -31.64 -1.60 -12.92
N ILE E 52 -30.55 -2.04 -12.26
CA ILE E 52 -30.38 -3.44 -11.94
C ILE E 52 -31.37 -3.87 -10.86
N VAL E 53 -31.61 -3.00 -9.86
CA VAL E 53 -32.63 -3.28 -8.86
C VAL E 53 -33.96 -3.59 -9.55
N GLU E 54 -34.37 -2.72 -10.48
CA GLU E 54 -35.63 -2.86 -11.18
C GLU E 54 -35.69 -4.15 -11.98
N VAL E 55 -34.61 -4.46 -12.71
CA VAL E 55 -34.56 -5.66 -13.54
C VAL E 55 -34.72 -6.89 -12.65
N LEU E 56 -34.02 -6.90 -11.51
CA LEU E 56 -34.04 -8.01 -10.57
C LEU E 56 -35.46 -8.19 -10.00
N LEU E 57 -36.10 -7.09 -9.60
CA LEU E 57 -37.44 -7.14 -9.04
C LEU E 57 -38.43 -7.73 -10.04
N LYS E 58 -38.25 -7.39 -11.33
CA LYS E 58 -39.12 -7.86 -12.41
C LYS E 58 -38.91 -9.34 -12.71
N THR E 59 -37.74 -9.89 -12.36
CA THR E 59 -37.41 -11.26 -12.73
C THR E 59 -37.37 -12.15 -11.48
N GLY E 60 -38.11 -11.77 -10.42
CA GLY E 60 -38.46 -12.67 -9.34
C GLY E 60 -37.57 -12.56 -8.10
N ALA E 61 -36.77 -11.51 -7.98
CA ALA E 61 -35.93 -11.37 -6.79
C ALA E 61 -36.81 -11.30 -5.53
N ASP E 62 -36.36 -11.92 -4.42
CA ASP E 62 -37.03 -11.82 -3.13
C ASP E 62 -36.76 -10.44 -2.52
N VAL E 63 -37.79 -9.61 -2.50
CA VAL E 63 -37.66 -8.23 -2.09
C VAL E 63 -37.34 -8.12 -0.60
N ASN E 64 -37.67 -9.16 0.18
CA ASN E 64 -37.45 -9.12 1.62
C ASN E 64 -36.34 -10.08 2.05
N ALA E 65 -35.48 -10.49 1.13
CA ALA E 65 -34.37 -11.35 1.51
C ALA E 65 -33.56 -10.65 2.59
N SER E 66 -33.09 -11.44 3.56
CA SER E 66 -32.41 -10.94 4.74
C SER E 66 -31.01 -11.53 4.78
N ASP E 67 -29.96 -10.72 4.95
CA ASP E 67 -28.57 -11.21 4.89
C ASP E 67 -28.11 -11.67 6.27
N ALA E 68 -26.80 -11.93 6.43
CA ALA E 68 -26.32 -12.57 7.64
C ALA E 68 -26.53 -11.72 8.89
N VAL E 69 -26.68 -10.39 8.73
CA VAL E 69 -26.85 -9.53 9.88
C VAL E 69 -28.21 -8.82 9.81
N GLY E 70 -29.14 -9.48 9.10
CA GLY E 70 -30.55 -9.19 9.19
C GLY E 70 -30.97 -7.98 8.35
N HIS E 71 -30.17 -7.61 7.34
CA HIS E 71 -30.53 -6.50 6.49
C HIS E 71 -31.26 -6.99 5.25
N THR E 72 -32.36 -6.31 4.94
CA THR E 72 -33.05 -6.44 3.66
C THR E 72 -32.49 -5.39 2.72
N PRO E 73 -32.76 -5.49 1.40
CA PRO E 73 -32.34 -4.44 0.48
C PRO E 73 -32.82 -3.05 0.90
N LEU E 74 -34.01 -3.00 1.50
CA LEU E 74 -34.60 -1.73 1.89
C LEU E 74 -33.74 -1.10 2.99
N HIS E 75 -33.29 -1.89 3.98
CA HIS E 75 -32.41 -1.36 5.02
C HIS E 75 -31.20 -0.66 4.40
N LEU E 76 -30.59 -1.34 3.44
CA LEU E 76 -29.30 -0.90 2.89
C LEU E 76 -29.50 0.35 2.04
N ALA E 77 -30.58 0.39 1.26
CA ALA E 77 -30.88 1.56 0.45
C ALA E 77 -31.23 2.75 1.35
N ALA E 78 -31.92 2.50 2.45
CA ALA E 78 -32.29 3.54 3.39
C ALA E 78 -31.04 4.13 4.05
N HIS E 79 -30.14 3.24 4.49
CA HIS E 79 -28.87 3.61 5.08
C HIS E 79 -28.00 4.41 4.11
N LYS E 80 -27.87 3.93 2.87
CA LYS E 80 -26.94 4.53 1.91
C LYS E 80 -27.54 5.77 1.24
N GLY E 81 -28.85 5.99 1.38
CA GLY E 81 -29.47 7.23 0.92
C GLY E 81 -29.91 7.17 -0.54
N HIS E 82 -30.27 5.97 -1.04
CA HIS E 82 -30.71 5.83 -2.43
C HIS E 82 -32.24 5.90 -2.49
N LEU E 83 -32.78 7.11 -2.73
CA LEU E 83 -34.20 7.39 -2.64
C LEU E 83 -34.99 6.55 -3.65
N GLU E 84 -34.57 6.55 -4.91
CA GLU E 84 -35.35 5.91 -5.97
C GLU E 84 -35.38 4.39 -5.74
N ILE E 85 -34.30 3.84 -5.21
CA ILE E 85 -34.28 2.42 -4.89
C ILE E 85 -35.22 2.14 -3.73
N VAL E 86 -35.22 3.02 -2.70
CA VAL E 86 -36.15 2.88 -1.60
C VAL E 86 -37.58 2.82 -2.14
N GLU E 87 -37.90 3.71 -3.09
CA GLU E 87 -39.24 3.81 -3.62
C GLU E 87 -39.66 2.54 -4.35
N VAL E 88 -38.81 2.03 -5.26
CA VAL E 88 -39.15 0.86 -6.05
C VAL E 88 -39.29 -0.37 -5.13
N LEU E 89 -38.41 -0.47 -4.12
CA LEU E 89 -38.50 -1.58 -3.18
C LEU E 89 -39.86 -1.55 -2.49
N LEU E 90 -40.26 -0.38 -1.99
CA LEU E 90 -41.52 -0.26 -1.27
C LEU E 90 -42.70 -0.54 -2.20
N LYS E 91 -42.58 -0.10 -3.46
CA LYS E 91 -43.63 -0.29 -4.46
C LYS E 91 -43.73 -1.77 -4.85
N THR E 92 -42.70 -2.57 -4.54
CA THR E 92 -42.68 -3.97 -4.94
C THR E 92 -42.69 -4.89 -3.71
N GLY E 93 -43.30 -4.44 -2.61
CA GLY E 93 -43.66 -5.31 -1.50
C GLY E 93 -42.65 -5.37 -0.36
N ALA E 94 -41.64 -4.48 -0.34
CA ALA E 94 -40.67 -4.52 0.74
C ALA E 94 -41.36 -4.29 2.08
N ASP E 95 -40.93 -5.04 3.10
CA ASP E 95 -41.39 -4.84 4.46
C ASP E 95 -40.76 -3.57 5.02
N VAL E 96 -41.60 -2.57 5.22
CA VAL E 96 -41.16 -1.25 5.64
C VAL E 96 -40.60 -1.26 7.07
N ASN E 97 -41.02 -2.24 7.88
CA ASN E 97 -40.61 -2.33 9.29
C ASN E 97 -39.74 -3.55 9.57
N ALA E 98 -39.01 -4.04 8.57
CA ALA E 98 -38.04 -5.11 8.79
C ALA E 98 -37.01 -4.68 9.84
N LEU E 99 -36.58 -5.66 10.64
CA LEU E 99 -35.69 -5.49 11.77
C LEU E 99 -34.37 -6.20 11.48
N ASP E 100 -33.27 -5.50 11.79
CA ASP E 100 -31.94 -6.09 11.75
C ASP E 100 -31.59 -6.56 13.17
N LEU E 101 -30.36 -7.04 13.36
CA LEU E 101 -29.96 -7.64 14.63
C LEU E 101 -29.82 -6.60 15.73
N MET E 102 -29.75 -5.31 15.34
CA MET E 102 -29.64 -4.23 16.31
C MET E 102 -31.03 -3.70 16.68
N GLY E 103 -32.08 -4.24 16.05
CA GLY E 103 -33.42 -3.73 16.22
C GLY E 103 -33.70 -2.48 15.39
N TRP E 104 -32.87 -2.24 14.37
CA TRP E 104 -33.12 -1.08 13.49
C TRP E 104 -34.07 -1.47 12.36
N THR E 105 -35.07 -0.60 12.17
CA THR E 105 -35.94 -0.59 11.00
C THR E 105 -35.29 0.33 9.98
N PRO E 106 -35.75 0.29 8.71
CA PRO E 106 -35.28 1.27 7.72
C PRO E 106 -35.41 2.71 8.19
N LEU E 107 -36.48 3.01 8.93
CA LEU E 107 -36.70 4.37 9.40
C LEU E 107 -35.60 4.78 10.38
N HIS E 108 -35.19 3.88 11.27
CA HIS E 108 -34.07 4.15 12.17
C HIS E 108 -32.82 4.50 11.36
N LEU E 109 -32.54 3.72 10.30
CA LEU E 109 -31.30 3.88 9.55
C LEU E 109 -31.32 5.19 8.78
N ALA E 110 -32.45 5.52 8.17
CA ALA E 110 -32.59 6.79 7.46
C ALA E 110 -32.50 7.97 8.43
N ALA E 111 -33.09 7.82 9.61
CA ALA E 111 -33.10 8.88 10.62
C ALA E 111 -31.69 9.16 11.15
N ARG E 112 -30.92 8.10 11.44
CA ARG E 112 -29.55 8.25 11.92
C ARG E 112 -28.68 8.96 10.90
N LYS E 113 -28.89 8.65 9.63
CA LYS E 113 -28.01 9.14 8.57
C LYS E 113 -28.46 10.49 8.00
N GLY E 114 -29.66 10.96 8.37
CA GLY E 114 -30.12 12.28 7.95
C GLY E 114 -30.70 12.32 6.53
N HIS E 115 -31.33 11.24 6.07
CA HIS E 115 -31.94 11.20 4.74
C HIS E 115 -33.41 11.58 4.84
N LEU E 116 -33.71 12.88 4.67
CA LEU E 116 -35.03 13.43 4.92
C LEU E 116 -36.08 12.80 4.01
N GLU E 117 -35.86 12.87 2.70
CA GLU E 117 -36.83 12.40 1.72
C GLU E 117 -37.17 10.93 1.97
N ILE E 118 -36.15 10.14 2.33
CA ILE E 118 -36.36 8.72 2.58
C ILE E 118 -37.20 8.52 3.84
N VAL E 119 -36.99 9.34 4.87
CA VAL E 119 -37.82 9.29 6.06
C VAL E 119 -39.28 9.51 5.67
N GLU E 120 -39.55 10.56 4.89
CA GLU E 120 -40.93 10.92 4.54
C GLU E 120 -41.57 9.79 3.73
N VAL E 121 -40.81 9.15 2.83
CA VAL E 121 -41.34 8.10 1.99
C VAL E 121 -41.64 6.85 2.82
N LEU E 122 -40.77 6.51 3.78
CA LEU E 122 -40.99 5.38 4.66
C LEU E 122 -42.24 5.60 5.52
N LEU E 123 -42.38 6.81 6.05
CA LEU E 123 -43.56 7.16 6.84
C LEU E 123 -44.81 6.94 5.99
N LYS E 124 -44.75 7.35 4.71
CA LYS E 124 -45.89 7.25 3.81
C LYS E 124 -46.30 5.78 3.66
N HIS E 125 -45.33 4.86 3.69
CA HIS E 125 -45.61 3.44 3.53
C HIS E 125 -45.80 2.73 4.88
N GLY E 126 -46.05 3.48 5.95
CA GLY E 126 -46.46 2.91 7.22
C GLY E 126 -45.31 2.50 8.14
N ALA E 127 -44.15 3.15 8.05
CA ALA E 127 -43.06 2.89 8.99
C ALA E 127 -43.50 3.22 10.42
N ASP E 128 -43.02 2.42 11.38
CA ASP E 128 -43.43 2.51 12.77
C ASP E 128 -42.56 3.54 13.50
N VAL E 129 -43.17 4.68 13.85
CA VAL E 129 -42.46 5.75 14.54
C VAL E 129 -42.14 5.34 15.98
N ASN E 130 -42.82 4.33 16.53
CA ASN E 130 -42.58 3.94 17.91
C ASN E 130 -41.65 2.75 18.04
N ALA E 131 -41.12 2.25 16.92
CA ALA E 131 -40.21 1.10 16.97
C ALA E 131 -38.97 1.47 17.78
N GLN E 132 -38.61 0.60 18.73
CA GLN E 132 -37.45 0.80 19.58
C GLN E 132 -36.36 -0.22 19.23
N ASP E 133 -35.11 0.25 19.19
CA ASP E 133 -33.97 -0.61 18.85
C ASP E 133 -33.52 -1.29 20.14
N LYS E 134 -32.38 -2.00 20.09
CA LYS E 134 -31.96 -2.82 21.22
C LYS E 134 -31.55 -1.93 22.40
N PHE E 135 -31.35 -0.62 22.15
CA PHE E 135 -30.95 0.32 23.19
C PHE E 135 -32.14 1.15 23.64
N GLY E 136 -33.34 0.79 23.18
CA GLY E 136 -34.55 1.48 23.57
C GLY E 136 -34.81 2.74 22.75
N LYS E 137 -34.06 2.97 21.67
CA LYS E 137 -34.17 4.22 20.92
C LYS E 137 -35.14 4.07 19.74
N THR E 138 -35.99 5.09 19.60
CA THR E 138 -36.88 5.22 18.46
C THR E 138 -36.17 6.02 17.38
N PRO E 139 -36.67 6.05 16.12
CA PRO E 139 -36.06 6.85 15.06
C PRO E 139 -35.93 8.32 15.43
N PHE E 140 -36.92 8.84 16.16
CA PHE E 140 -36.92 10.21 16.65
C PHE E 140 -35.69 10.42 17.53
N ASP E 141 -35.50 9.52 18.50
CA ASP E 141 -34.36 9.60 19.41
C ASP E 141 -33.06 9.61 18.65
N LEU E 142 -32.95 8.78 17.60
CA LEU E 142 -31.72 8.70 16.83
C LEU E 142 -31.53 9.94 15.96
N ALA E 143 -32.62 10.52 15.46
CA ALA E 143 -32.52 11.79 14.75
C ALA E 143 -31.93 12.87 15.66
N ILE E 144 -32.36 12.91 16.93
CA ILE E 144 -31.88 13.91 17.88
C ILE E 144 -30.39 13.67 18.14
N ASP E 145 -30.04 12.42 18.47
CA ASP E 145 -28.67 12.05 18.80
C ASP E 145 -27.70 12.43 17.67
N ASN E 146 -28.15 12.37 16.41
CA ASN E 146 -27.29 12.62 15.26
C ASN E 146 -27.51 14.01 14.68
N GLY E 147 -28.17 14.90 15.44
CA GLY E 147 -28.30 16.30 15.08
C GLY E 147 -29.12 16.53 13.82
N ASN E 148 -30.10 15.66 13.56
CA ASN E 148 -30.96 15.76 12.39
C ASN E 148 -32.31 16.35 12.79
N GLU E 149 -32.34 17.68 12.96
CA GLU E 149 -33.47 18.35 13.62
C GLU E 149 -34.69 18.41 12.69
N ASP E 150 -34.46 18.58 11.39
CA ASP E 150 -35.55 18.56 10.42
C ASP E 150 -36.29 17.23 10.52
N ILE E 151 -35.54 16.13 10.52
CA ILE E 151 -36.13 14.80 10.56
C ILE E 151 -36.85 14.56 11.89
N ALA E 152 -36.32 15.08 13.00
CA ALA E 152 -36.96 14.94 14.30
C ALA E 152 -38.35 15.58 14.30
N GLU E 153 -38.49 16.74 13.69
CA GLU E 153 -39.76 17.45 13.67
C GLU E 153 -40.77 16.65 12.83
N VAL E 154 -40.31 16.16 11.68
CA VAL E 154 -41.16 15.36 10.80
C VAL E 154 -41.65 14.13 11.56
N LEU E 155 -40.76 13.50 12.34
CA LEU E 155 -41.10 12.30 13.09
C LEU E 155 -42.07 12.65 14.22
N GLN E 156 -41.87 13.80 14.87
CA GLN E 156 -42.71 14.23 15.97
C GLN E 156 -44.14 14.47 15.48
N LYS E 157 -44.27 15.10 14.30
CA LYS E 157 -45.57 15.36 13.69
C LYS E 157 -46.23 14.05 13.27
N ALA E 158 -45.46 13.10 12.71
CA ALA E 158 -45.99 11.80 12.34
C ALA E 158 -46.55 11.07 13.54
N ALA E 159 -45.87 11.16 14.69
CA ALA E 159 -46.30 10.54 15.93
C ALA E 159 -47.59 11.19 16.46
N LYS E 160 -47.83 12.46 16.11
CA LYS E 160 -49.03 13.16 16.54
C LYS E 160 -50.25 12.80 15.68
N LEU E 161 -50.06 12.64 14.37
CA LEU E 161 -51.14 12.29 13.46
C LEU E 161 -51.63 10.88 13.77
N ASN E 162 -50.69 10.01 14.16
CA ASN E 162 -50.99 8.62 14.51
C ASN E 162 -51.97 8.55 15.68
N ASP E 163 -51.91 9.53 16.58
CA ASP E 163 -52.69 9.52 17.81
C ASP E 163 -54.20 9.56 17.55
N TYR E 164 -54.62 10.06 16.37
CA TYR E 164 -56.04 10.05 16.03
C TYR E 164 -56.18 10.15 14.52
N ASP F 3 13.88 -19.64 -20.13
CA ASP F 3 12.44 -19.46 -20.51
C ASP F 3 11.59 -20.54 -19.84
N LEU F 4 11.79 -21.80 -20.25
CA LEU F 4 11.14 -22.92 -19.59
C LEU F 4 11.64 -23.06 -18.15
N GLY F 5 12.93 -22.74 -17.93
CA GLY F 5 13.51 -22.76 -16.60
C GLY F 5 12.80 -21.79 -15.66
N LYS F 6 12.62 -20.55 -16.12
CA LYS F 6 11.95 -19.52 -15.35
C LYS F 6 10.52 -19.97 -15.02
N LYS F 7 9.82 -20.57 -15.98
CA LYS F 7 8.45 -21.00 -15.77
C LYS F 7 8.41 -22.14 -14.75
N LEU F 8 9.44 -23.01 -14.78
CA LEU F 8 9.48 -24.14 -13.88
C LEU F 8 9.68 -23.64 -12.44
N LEU F 9 10.56 -22.65 -12.29
CA LEU F 9 10.82 -22.05 -10.97
C LEU F 9 9.52 -21.48 -10.39
N GLU F 10 8.77 -20.72 -11.17
N GLU F 10 8.79 -20.74 -11.23
CA GLU F 10 7.55 -20.07 -10.71
CA GLU F 10 7.55 -20.08 -10.89
C GLU F 10 6.49 -21.13 -10.39
C GLU F 10 6.54 -21.11 -10.43
N ALA F 11 6.34 -22.15 -11.25
CA ALA F 11 5.37 -23.21 -10.99
C ALA F 11 5.71 -23.98 -9.70
N ALA F 12 7.01 -24.22 -9.48
CA ALA F 12 7.44 -24.96 -8.31
C ALA F 12 7.16 -24.15 -7.04
N ARG F 13 7.46 -22.84 -7.08
CA ARG F 13 7.25 -22.00 -5.92
C ARG F 13 5.77 -21.94 -5.58
N ALA F 14 4.93 -21.86 -6.63
CA ALA F 14 3.50 -21.64 -6.45
C ALA F 14 2.75 -22.95 -6.19
N GLY F 15 3.42 -24.10 -6.17
CA GLY F 15 2.78 -25.37 -5.85
C GLY F 15 1.85 -25.86 -6.96
N GLN F 16 2.15 -25.54 -8.22
CA GLN F 16 1.33 -25.97 -9.34
C GLN F 16 1.84 -27.30 -9.89
N ASP F 17 1.36 -28.41 -9.31
CA ASP F 17 1.83 -29.75 -9.61
C ASP F 17 1.69 -30.04 -11.11
N ASP F 18 0.50 -29.74 -11.67
CA ASP F 18 0.21 -30.05 -13.05
C ASP F 18 1.14 -29.29 -13.99
N GLU F 19 1.36 -28.01 -13.67
CA GLU F 19 2.17 -27.15 -14.52
C GLU F 19 3.63 -27.58 -14.48
N VAL F 20 4.11 -28.03 -13.31
CA VAL F 20 5.45 -28.57 -13.17
C VAL F 20 5.62 -29.77 -14.09
N ARG F 21 4.64 -30.66 -14.09
CA ARG F 21 4.68 -31.88 -14.88
C ARG F 21 4.76 -31.56 -16.37
N ILE F 22 3.93 -30.61 -16.82
CA ILE F 22 3.86 -30.20 -18.22
C ILE F 22 5.18 -29.56 -18.63
N LEU F 23 5.72 -28.67 -17.79
CA LEU F 23 6.97 -28.01 -18.11
C LEU F 23 8.10 -29.04 -18.23
N MET F 24 8.08 -30.06 -17.38
CA MET F 24 9.11 -31.08 -17.37
C MET F 24 9.04 -31.92 -18.64
N ALA F 25 7.81 -32.27 -19.05
CA ALA F 25 7.59 -33.03 -20.26
C ALA F 25 8.09 -32.26 -21.49
N ASN F 26 8.11 -30.92 -21.44
CA ASN F 26 8.57 -30.12 -22.57
C ASN F 26 10.04 -29.74 -22.44
N GLY F 27 10.75 -30.33 -21.46
CA GLY F 27 12.19 -30.28 -21.42
C GLY F 27 12.73 -29.13 -20.58
N ALA F 28 11.92 -28.60 -19.66
CA ALA F 28 12.42 -27.59 -18.73
C ALA F 28 13.64 -28.15 -17.99
N ASP F 29 14.66 -27.32 -17.83
CA ASP F 29 15.87 -27.69 -17.10
C ASP F 29 15.52 -27.82 -15.62
N VAL F 30 15.59 -29.07 -15.13
CA VAL F 30 15.18 -29.41 -13.77
C VAL F 30 15.99 -28.64 -12.73
N ASN F 31 17.21 -28.23 -13.10
CA ASN F 31 18.13 -27.54 -12.20
C ASN F 31 18.35 -26.08 -12.60
N ALA F 32 17.35 -25.46 -13.23
CA ALA F 32 17.38 -24.04 -13.48
C ALA F 32 17.57 -23.30 -12.15
N GLU F 33 18.25 -22.16 -12.18
CA GLU F 33 18.46 -21.37 -10.97
C GLU F 33 17.92 -19.96 -11.15
N ASP F 34 17.28 -19.43 -10.09
CA ASP F 34 16.83 -18.05 -10.09
C ASP F 34 17.99 -17.15 -9.67
N THR F 35 17.71 -15.85 -9.52
CA THR F 35 18.73 -14.85 -9.24
C THR F 35 19.65 -15.29 -8.11
N TRP F 36 19.06 -15.79 -7.01
CA TRP F 36 19.83 -16.03 -5.81
C TRP F 36 20.10 -17.51 -5.62
N GLY F 37 20.12 -18.24 -6.74
CA GLY F 37 20.65 -19.60 -6.76
C GLY F 37 19.65 -20.66 -6.28
N SER F 38 18.34 -20.35 -6.21
CA SER F 38 17.36 -21.37 -5.88
C SER F 38 17.03 -22.20 -7.13
N THR F 39 17.02 -23.53 -6.98
CA THR F 39 16.51 -24.41 -8.00
C THR F 39 15.03 -24.67 -7.71
N PRO F 40 14.28 -25.29 -8.65
CA PRO F 40 12.90 -25.69 -8.37
C PRO F 40 12.75 -26.52 -7.09
N LEU F 41 13.75 -27.38 -6.80
CA LEU F 41 13.72 -28.21 -5.62
C LEU F 41 13.80 -27.37 -4.36
N HIS F 42 14.67 -26.34 -4.36
CA HIS F 42 14.73 -25.40 -3.25
C HIS F 42 13.38 -24.74 -3.01
N LEU F 43 12.77 -24.25 -4.08
CA LEU F 43 11.54 -23.48 -3.97
C LEU F 43 10.40 -24.38 -3.52
N ALA F 44 10.37 -25.63 -4.01
CA ALA F 44 9.33 -26.56 -3.61
C ALA F 44 9.50 -26.98 -2.15
N ALA F 45 10.75 -27.25 -1.75
CA ALA F 45 11.09 -27.69 -0.40
C ALA F 45 10.72 -26.63 0.65
N LYS F 46 11.02 -25.36 0.35
CA LYS F 46 10.85 -24.28 1.30
C LYS F 46 9.41 -23.80 1.37
N THR F 47 8.57 -24.12 0.39
CA THR F 47 7.16 -23.74 0.46
C THR F 47 6.30 -24.95 0.83
N GLY F 48 6.93 -26.12 1.01
CA GLY F 48 6.28 -27.28 1.60
C GLY F 48 5.49 -28.12 0.59
N HIS F 49 5.86 -28.10 -0.68
CA HIS F 49 5.11 -28.81 -1.70
C HIS F 49 5.75 -30.18 -1.97
N LEU F 50 5.33 -31.18 -1.19
CA LEU F 50 5.93 -32.50 -1.15
C LEU F 50 5.90 -33.18 -2.52
N GLU F 51 4.75 -33.13 -3.20
CA GLU F 51 4.52 -33.90 -4.42
C GLU F 51 5.48 -33.40 -5.51
N ILE F 52 5.69 -32.08 -5.56
CA ILE F 52 6.61 -31.49 -6.51
C ILE F 52 8.05 -31.87 -6.16
N VAL F 53 8.39 -31.87 -4.86
CA VAL F 53 9.71 -32.31 -4.43
C VAL F 53 10.00 -33.70 -4.98
N GLU F 54 9.05 -34.63 -4.81
CA GLU F 54 9.18 -36.00 -5.25
C GLU F 54 9.38 -36.08 -6.76
N VAL F 55 8.56 -35.33 -7.51
CA VAL F 55 8.60 -35.41 -8.96
C VAL F 55 9.95 -34.85 -9.45
N LEU F 56 10.46 -33.79 -8.80
CA LEU F 56 11.74 -33.18 -9.15
C LEU F 56 12.88 -34.17 -8.88
N LEU F 57 12.84 -34.84 -7.73
CA LEU F 57 13.88 -35.79 -7.36
C LEU F 57 13.93 -36.93 -8.38
N LYS F 58 12.76 -37.35 -8.87
CA LYS F 58 12.67 -38.44 -9.83
C LYS F 58 13.16 -38.03 -11.23
N THR F 59 13.19 -36.72 -11.51
CA THR F 59 13.54 -36.24 -12.84
C THR F 59 14.91 -35.57 -12.84
N GLY F 60 15.77 -35.90 -11.87
CA GLY F 60 17.19 -35.57 -11.92
C GLY F 60 17.58 -34.30 -11.16
N ALA F 61 16.70 -33.75 -10.32
CA ALA F 61 17.07 -32.55 -9.57
C ALA F 61 18.30 -32.82 -8.69
N ASP F 62 19.22 -31.84 -8.60
CA ASP F 62 20.39 -31.95 -7.75
C ASP F 62 19.98 -31.77 -6.28
N VAL F 63 20.01 -32.87 -5.54
CA VAL F 63 19.49 -32.89 -4.17
C VAL F 63 20.33 -32.01 -3.25
N ASN F 64 21.59 -31.76 -3.61
CA ASN F 64 22.48 -30.98 -2.75
C ASN F 64 22.80 -29.61 -3.33
N ALA F 65 21.98 -29.12 -4.26
CA ALA F 65 22.24 -27.81 -4.82
C ALA F 65 22.23 -26.79 -3.68
N SER F 66 23.13 -25.82 -3.78
CA SER F 66 23.35 -24.83 -2.74
C SER F 66 23.03 -23.44 -3.29
N ASP F 67 22.21 -22.64 -2.57
CA ASP F 67 21.80 -21.33 -3.06
C ASP F 67 22.82 -20.28 -2.62
N ALA F 68 22.49 -18.99 -2.83
CA ALA F 68 23.48 -17.94 -2.67
C ALA F 68 24.02 -17.83 -1.24
N VAL F 69 23.26 -18.33 -0.24
CA VAL F 69 23.68 -18.19 1.15
C VAL F 69 23.85 -19.58 1.75
N GLY F 70 24.13 -20.54 0.86
CA GLY F 70 24.67 -21.84 1.25
C GLY F 70 23.60 -22.82 1.74
N HIS F 71 22.32 -22.58 1.40
CA HIS F 71 21.27 -23.50 1.81
C HIS F 71 21.01 -24.52 0.71
N THR F 72 20.92 -25.78 1.15
CA THR F 72 20.44 -26.87 0.32
C THR F 72 18.94 -27.02 0.58
N PRO F 73 18.20 -27.77 -0.24
CA PRO F 73 16.78 -28.00 0.03
C PRO F 73 16.55 -28.58 1.42
N LEU F 74 17.49 -29.41 1.89
CA LEU F 74 17.36 -30.03 3.19
C LEU F 74 17.39 -28.96 4.29
N HIS F 75 18.29 -27.98 4.21
CA HIS F 75 18.31 -26.90 5.19
C HIS F 75 16.95 -26.24 5.31
N LEU F 76 16.35 -25.95 4.14
CA LEU F 76 15.15 -25.14 4.11
C LEU F 76 13.94 -25.93 4.62
N ALA F 77 13.87 -27.22 4.26
CA ALA F 77 12.82 -28.08 4.76
C ALA F 77 12.95 -28.28 6.27
N ALA F 78 14.19 -28.38 6.76
CA ALA F 78 14.46 -28.55 8.18
C ALA F 78 14.03 -27.29 8.95
N HIS F 79 14.40 -26.12 8.43
CA HIS F 79 14.00 -24.84 8.98
C HIS F 79 12.48 -24.66 9.01
N LYS F 80 11.81 -24.96 7.89
CA LYS F 80 10.38 -24.69 7.75
C LYS F 80 9.53 -25.76 8.41
N GLY F 81 10.12 -26.92 8.74
CA GLY F 81 9.43 -27.93 9.53
C GLY F 81 8.64 -28.92 8.66
N HIS F 82 9.09 -29.17 7.44
CA HIS F 82 8.40 -30.08 6.55
C HIS F 82 9.03 -31.48 6.66
N LEU F 83 8.47 -32.31 7.54
CA LEU F 83 9.05 -33.60 7.91
C LEU F 83 9.16 -34.52 6.70
N GLU F 84 8.07 -34.68 5.93
CA GLU F 84 8.04 -35.64 4.83
C GLU F 84 9.03 -35.23 3.75
N ILE F 85 9.21 -33.93 3.54
CA ILE F 85 10.19 -33.47 2.57
C ILE F 85 11.60 -33.76 3.09
N VAL F 86 11.83 -33.53 4.38
CA VAL F 86 13.12 -33.88 4.98
C VAL F 86 13.43 -35.35 4.71
N GLU F 87 12.43 -36.21 4.91
CA GLU F 87 12.63 -37.65 4.80
C GLU F 87 13.00 -38.04 3.37
N VAL F 88 12.24 -37.55 2.37
CA VAL F 88 12.50 -37.96 0.99
C VAL F 88 13.83 -37.39 0.51
N LEU F 89 14.19 -36.18 0.96
CA LEU F 89 15.48 -35.61 0.61
C LEU F 89 16.59 -36.54 1.12
N LEU F 90 16.51 -36.95 2.40
CA LEU F 90 17.54 -37.78 2.98
C LEU F 90 17.58 -39.14 2.28
N LYS F 91 16.41 -39.66 1.89
CA LYS F 91 16.28 -40.94 1.22
C LYS F 91 16.85 -40.85 -0.19
N THR F 92 17.04 -39.62 -0.73
CA THR F 92 17.51 -39.46 -2.09
C THR F 92 18.88 -38.77 -2.10
N GLY F 93 19.69 -38.97 -1.05
CA GLY F 93 21.11 -38.62 -1.07
C GLY F 93 21.45 -37.23 -0.52
N ALA F 94 20.52 -36.54 0.14
CA ALA F 94 20.83 -35.21 0.67
C ALA F 94 21.97 -35.32 1.69
N ASP F 95 22.90 -34.37 1.66
CA ASP F 95 23.98 -34.28 2.64
C ASP F 95 23.40 -33.82 3.98
N VAL F 96 23.39 -34.73 4.95
CA VAL F 96 22.74 -34.48 6.22
C VAL F 96 23.47 -33.40 7.02
N ASN F 97 24.77 -33.19 6.74
CA ASN F 97 25.58 -32.23 7.48
C ASN F 97 26.04 -31.04 6.62
N ALA F 98 25.25 -30.68 5.59
CA ALA F 98 25.54 -29.49 4.81
C ALA F 98 25.60 -28.26 5.71
N LEU F 99 26.50 -27.33 5.37
CA LEU F 99 26.75 -26.11 6.10
C LEU F 99 26.34 -24.91 5.26
N ASP F 100 25.65 -23.97 5.92
CA ASP F 100 25.31 -22.68 5.35
C ASP F 100 26.37 -21.66 5.79
N LEU F 101 26.18 -20.39 5.42
CA LEU F 101 27.23 -19.40 5.63
C LEU F 101 27.32 -19.02 7.08
N MET F 102 26.34 -19.38 7.90
CA MET F 102 26.38 -19.11 9.33
C MET F 102 26.98 -20.30 10.09
N GLY F 103 27.35 -21.36 9.36
CA GLY F 103 27.87 -22.56 9.95
C GLY F 103 26.75 -23.46 10.47
N TRP F 104 25.52 -23.25 10.02
CA TRP F 104 24.42 -24.10 10.47
C TRP F 104 24.27 -25.32 9.57
N THR F 105 24.15 -26.49 10.22
CA THR F 105 23.71 -27.73 9.61
C THR F 105 22.19 -27.79 9.70
N PRO F 106 21.52 -28.70 8.94
CA PRO F 106 20.09 -28.93 9.12
C PRO F 106 19.68 -29.17 10.57
N LEU F 107 20.55 -29.87 11.33
CA LEU F 107 20.26 -30.17 12.72
C LEU F 107 20.20 -28.89 13.54
N HIS F 108 21.13 -27.95 13.31
CA HIS F 108 21.08 -26.66 13.98
C HIS F 108 19.74 -25.97 13.70
N LEU F 109 19.32 -25.97 12.42
CA LEU F 109 18.13 -25.22 12.02
C LEU F 109 16.88 -25.84 12.64
N ALA F 110 16.78 -27.17 12.63
CA ALA F 110 15.65 -27.86 13.23
C ALA F 110 15.65 -27.64 14.73
N ALA F 111 16.83 -27.65 15.35
CA ALA F 111 16.96 -27.50 16.80
C ALA F 111 16.51 -26.10 17.25
N ARG F 112 16.95 -25.07 16.53
CA ARG F 112 16.57 -23.70 16.83
C ARG F 112 15.06 -23.49 16.73
N LYS F 113 14.44 -24.13 15.74
N LYS F 113 14.44 -24.07 15.70
CA LYS F 113 13.04 -23.87 15.44
CA LYS F 113 13.02 -23.84 15.45
C LYS F 113 12.10 -24.82 16.18
C LYS F 113 12.17 -24.62 16.45
N GLY F 114 12.64 -25.82 16.87
CA GLY F 114 11.82 -26.69 17.71
C GLY F 114 11.10 -27.81 16.96
N HIS F 115 11.68 -28.31 15.86
CA HIS F 115 11.08 -29.38 15.08
C HIS F 115 11.61 -30.74 15.56
N LEU F 116 10.90 -31.34 16.51
CA LEU F 116 11.40 -32.51 17.25
C LEU F 116 11.61 -33.70 16.29
N GLU F 117 10.56 -34.08 15.57
CA GLU F 117 10.59 -35.23 14.69
C GLU F 117 11.72 -35.12 13.68
N ILE F 118 11.93 -33.89 13.16
CA ILE F 118 12.96 -33.67 12.16
C ILE F 118 14.35 -33.83 12.81
N VAL F 119 14.51 -33.40 14.06
CA VAL F 119 15.77 -33.62 14.77
C VAL F 119 16.06 -35.13 14.83
N GLU F 120 15.08 -35.92 15.24
CA GLU F 120 15.29 -37.35 15.44
C GLU F 120 15.62 -38.02 14.10
N VAL F 121 14.97 -37.59 13.01
CA VAL F 121 15.20 -38.18 11.70
C VAL F 121 16.59 -37.82 11.19
N LEU F 122 17.05 -36.57 11.41
CA LEU F 122 18.38 -36.16 11.02
C LEU F 122 19.44 -36.96 11.79
N LEU F 123 19.22 -37.14 13.10
CA LEU F 123 20.12 -37.94 13.90
C LEU F 123 20.22 -39.35 13.33
N LYS F 124 19.08 -39.91 12.90
CA LYS F 124 19.01 -41.25 12.36
C LYS F 124 19.91 -41.36 11.12
N HIS F 125 19.98 -40.28 10.33
CA HIS F 125 20.77 -40.26 9.11
C HIS F 125 22.20 -39.74 9.35
N GLY F 126 22.65 -39.69 10.61
CA GLY F 126 24.05 -39.41 10.94
C GLY F 126 24.38 -37.92 11.06
N ALA F 127 23.42 -37.07 11.45
CA ALA F 127 23.71 -35.66 11.69
C ALA F 127 24.73 -35.51 12.82
N ASP F 128 25.61 -34.51 12.70
CA ASP F 128 26.74 -34.33 13.60
C ASP F 128 26.31 -33.50 14.81
N VAL F 129 26.22 -34.13 15.97
CA VAL F 129 25.79 -33.44 17.18
C VAL F 129 26.88 -32.47 17.67
N ASN F 130 28.13 -32.66 17.24
CA ASN F 130 29.22 -31.79 17.67
C ASN F 130 29.52 -30.66 16.69
N ALA F 131 28.75 -30.53 15.62
CA ALA F 131 28.97 -29.45 14.68
C ALA F 131 28.76 -28.11 15.39
N GLN F 132 29.73 -27.20 15.20
CA GLN F 132 29.69 -25.87 15.79
C GLN F 132 29.48 -24.83 14.68
N ASP F 133 28.63 -23.84 14.97
CA ASP F 133 28.32 -22.78 14.01
C ASP F 133 29.39 -21.70 14.15
N LYS F 134 29.23 -20.58 13.45
CA LYS F 134 30.25 -19.54 13.43
C LYS F 134 30.41 -18.89 14.80
N PHE F 135 29.44 -19.11 15.71
CA PHE F 135 29.48 -18.54 17.05
C PHE F 135 29.91 -19.59 18.06
N GLY F 136 30.34 -20.76 17.58
CA GLY F 136 30.80 -21.83 18.44
C GLY F 136 29.66 -22.67 19.02
N LYS F 137 28.42 -22.49 18.54
CA LYS F 137 27.28 -23.19 19.14
C LYS F 137 26.97 -24.50 18.40
N THR F 138 26.68 -25.52 19.21
CA THR F 138 26.23 -26.82 18.71
C THR F 138 24.70 -26.81 18.66
N PRO F 139 24.04 -27.78 17.99
CA PRO F 139 22.59 -27.86 17.97
C PRO F 139 21.98 -27.92 19.37
N PHE F 140 22.68 -28.61 20.28
CA PHE F 140 22.27 -28.70 21.68
C PHE F 140 22.19 -27.30 22.27
N ASP F 141 23.27 -26.52 22.11
CA ASP F 141 23.35 -25.17 22.63
C ASP F 141 22.18 -24.34 22.09
N LEU F 142 21.85 -24.49 20.79
CA LEU F 142 20.78 -23.70 20.20
C LEU F 142 19.42 -24.17 20.67
N ALA F 143 19.25 -25.47 20.91
CA ALA F 143 18.02 -25.97 21.51
C ALA F 143 17.78 -25.32 22.88
N ILE F 144 18.84 -25.17 23.68
CA ILE F 144 18.74 -24.57 25.01
C ILE F 144 18.36 -23.09 24.86
N ASP F 145 19.10 -22.37 24.01
CA ASP F 145 18.90 -20.95 23.81
C ASP F 145 17.45 -20.65 23.39
N ASN F 146 16.80 -21.57 22.65
CA ASN F 146 15.46 -21.34 22.13
C ASN F 146 14.39 -22.08 22.93
N GLY F 147 14.75 -22.54 24.14
CA GLY F 147 13.82 -23.13 25.07
C GLY F 147 13.17 -24.41 24.55
N ASN F 148 13.93 -25.19 23.77
CA ASN F 148 13.43 -26.45 23.21
C ASN F 148 14.01 -27.62 24.01
N GLU F 149 13.38 -27.92 25.15
CA GLU F 149 13.94 -28.81 26.16
C GLU F 149 13.88 -30.26 25.71
N ASP F 150 12.79 -30.64 25.01
CA ASP F 150 12.65 -31.98 24.46
C ASP F 150 13.84 -32.28 23.57
N ILE F 151 14.13 -31.35 22.66
CA ILE F 151 15.17 -31.53 21.66
C ILE F 151 16.55 -31.60 22.32
N ALA F 152 16.76 -30.80 23.38
CA ALA F 152 18.02 -30.79 24.10
C ALA F 152 18.32 -32.16 24.71
N GLU F 153 17.31 -32.80 25.29
CA GLU F 153 17.48 -34.10 25.92
C GLU F 153 17.84 -35.14 24.86
N VAL F 154 17.11 -35.10 23.74
CA VAL F 154 17.33 -36.03 22.65
C VAL F 154 18.76 -35.90 22.16
N LEU F 155 19.23 -34.65 22.03
CA LEU F 155 20.57 -34.38 21.55
C LEU F 155 21.62 -34.83 22.55
N GLN F 156 21.33 -34.61 23.84
CA GLN F 156 22.25 -34.96 24.93
C GLN F 156 22.47 -36.47 24.94
N LYS F 157 21.37 -37.23 24.79
CA LYS F 157 21.43 -38.68 24.81
C LYS F 157 22.15 -39.19 23.56
N ALA F 158 21.90 -38.55 22.39
CA ALA F 158 22.60 -38.94 21.17
C ALA F 158 24.11 -38.76 21.32
N ALA F 159 24.51 -37.64 21.93
CA ALA F 159 25.93 -37.33 22.13
C ALA F 159 26.54 -38.27 23.17
N LYS F 160 25.70 -38.75 24.09
CA LYS F 160 26.10 -39.47 25.29
C LYS F 160 26.25 -40.95 24.95
N LEU F 161 25.80 -41.39 23.76
CA LEU F 161 26.18 -42.70 23.25
C LEU F 161 27.71 -42.80 23.10
N ASN F 162 28.33 -41.67 22.73
CA ASN F 162 29.77 -41.56 22.54
C ASN F 162 30.47 -41.66 23.90
C1 EDO G . -12.84 13.72 -18.29
O1 EDO G . -11.62 14.39 -18.58
C2 EDO G . -13.44 13.98 -16.92
O2 EDO G . -12.55 14.20 -15.81
C1 EDO H . 17.54 13.08 -0.76
O1 EDO H . 17.28 14.04 0.27
C2 EDO H . 18.41 11.87 -0.41
O2 EDO H . 18.50 11.42 0.99
C1 EDO I . -6.27 8.35 7.78
O1 EDO I . -7.02 7.82 6.74
C2 EDO I . -6.48 9.82 7.96
O2 EDO I . -6.13 10.28 9.26
C1 EDO J . 2.30 7.13 -14.80
O1 EDO J . 2.36 8.36 -14.04
C2 EDO J . 1.04 6.31 -14.72
O2 EDO J . 0.18 6.56 -15.80
C1 EDO K . -0.66 9.48 15.32
O1 EDO K . -0.85 10.32 14.18
C2 EDO K . -0.64 10.20 16.62
O2 EDO K . -0.09 9.40 17.68
C1 EDO L . 12.41 16.70 6.47
O1 EDO L . 13.04 15.44 6.72
C2 EDO L . 11.08 16.90 7.13
O2 EDO L . 10.93 16.34 8.44
C1 EDO M . -9.91 1.25 -2.18
O1 EDO M . -8.92 1.27 -1.15
C2 EDO M . -10.92 2.33 -1.99
O2 EDO M . -12.26 2.10 -2.45
C1 EDO N . 11.96 12.60 -6.85
O1 EDO N . 10.89 13.45 -6.46
C2 EDO N . 12.42 11.67 -5.78
O2 EDO N . 12.10 10.27 -6.00
C1 EDO O . 2.25 3.03 -9.87
O1 EDO O . 3.35 3.70 -10.53
C2 EDO O . 1.00 2.87 -10.69
O2 EDO O . -0.24 2.88 -9.96
C1 EDO P . 1.43 3.58 9.49
O1 EDO P . 2.81 3.14 9.45
C2 EDO P . 1.17 4.95 8.92
O2 EDO P . 1.07 5.03 7.46
C1 EDO Q . 5.43 4.15 -6.83
O1 EDO Q . 5.77 4.33 -8.23
C2 EDO Q . 4.42 3.11 -6.48
O2 EDO Q . 3.64 2.71 -7.58
MG MG R . 5.51 22.17 -3.36
MG MG S . -1.37 14.64 -15.08
PG GNP T . 5.51 25.00 -1.76
O1G GNP T . 6.67 26.01 -1.83
O2G GNP T . 5.53 24.16 -3.03
O3G GNP T . 4.13 25.73 -1.67
N3B GNP T . 5.76 23.95 -0.47
PB GNP T . 4.98 22.56 -0.16
O1B GNP T . 3.66 22.68 0.49
O2B GNP T . 5.02 21.65 -1.40
O3A GNP T . 5.90 21.77 0.85
PA GNP T . 6.94 20.55 0.71
O1A GNP T . 6.28 19.27 0.36
O2A GNP T . 8.03 21.08 -0.15
O5' GNP T . 7.46 20.33 2.23
C5' GNP T . 8.18 21.41 2.92
C4' GNP T . 8.95 20.79 4.07
O4' GNP T . 8.07 20.08 4.98
C3' GNP T . 10.00 19.75 3.65
O3' GNP T . 11.20 19.93 4.38
C2' GNP T . 9.29 18.41 3.85
O2' GNP T . 10.15 17.31 4.05
C1' GNP T . 8.47 18.73 5.08
N9 GNP T . 7.27 17.91 5.18
C8 GNP T . 6.24 17.81 4.29
N7 GNP T . 5.28 17.03 4.69
C5 GNP T . 5.70 16.59 5.94
C6 GNP T . 5.05 15.76 6.89
O6 GNP T . 3.96 15.16 6.83
N1 GNP T . 5.84 15.58 8.02
C2 GNP T . 7.05 16.18 8.25
N2 GNP T . 7.63 15.85 9.40
N3 GNP T . 7.65 16.99 7.39
C4 GNP T . 6.91 17.15 6.26
C1 EDO U . 10.39 16.24 -7.64
O1 EDO U . 11.27 15.40 -8.40
C2 EDO U . 10.13 17.59 -8.26
O2 EDO U . 8.90 18.33 -7.98
C1 EDO V . 14.95 24.03 -2.46
O1 EDO V . 14.08 23.55 -1.43
C2 EDO V . 15.44 25.45 -2.43
O2 EDO V . 15.70 26.07 -3.72
C1 EDO W . 16.09 8.04 -32.15
O1 EDO W . 15.58 6.95 -31.38
C2 EDO W . 15.52 8.18 -33.55
O2 EDO W . 15.15 9.51 -33.98
C1 EDO X . 15.05 30.39 -28.29
O1 EDO X . 15.98 29.40 -28.73
C2 EDO X . 13.63 29.96 -28.47
O2 EDO X . 12.67 30.90 -27.98
C1 EDO Y . -8.85 21.74 -28.90
O1 EDO Y . -7.61 21.97 -29.54
C2 EDO Y . -8.82 20.59 -27.95
O2 EDO Y . -7.64 20.54 -27.18
C1 EDO Z . -3.53 24.94 -25.01
O1 EDO Z . -3.95 25.08 -23.67
C2 EDO Z . -2.12 25.39 -25.25
O2 EDO Z . -1.78 25.50 -26.61
C1 EDO AA . -6.42 3.14 -33.97
O1 EDO AA . -7.09 2.03 -33.46
C2 EDO AA . -7.27 3.99 -34.85
O2 EDO AA . -6.50 4.52 -35.90
OH2 1PE BA . -1.93 20.32 -31.70
C12 1PE BA . -2.83 20.98 -30.82
C22 1PE BA . -2.97 20.24 -29.53
OH3 1PE BA . -4.28 20.45 -29.00
C13 1PE BA . -5.07 18.71 -27.53
C23 1PE BA . -5.08 19.26 -28.94
OH4 1PE BA . -4.69 17.33 -27.53
C14 1PE BA . -5.33 14.98 -27.42
C24 1PE BA . -5.80 16.43 -27.49
OH5 1PE BA . -5.92 14.29 -26.32
C15 1PE BA . -6.03 14.06 -23.91
C25 1PE BA . -5.18 14.38 -25.10
OH6 1PE BA . -5.27 13.49 -22.83
C16 1PE BA . -5.13 13.08 -20.44
C26 1PE BA . -5.95 13.62 -21.58
OH7 1PE BA . -5.10 13.99 -19.31
C1 PGE CA . 1.96 27.00 -24.80
O1 PGE CA . 2.68 25.76 -25.02
C2 PGE CA . 0.96 26.96 -23.64
O2 PGE CA . 0.43 25.65 -23.40
C3 PGE CA . -0.58 25.68 -22.38
C4 PGE CA . -0.97 24.28 -21.88
O4 PGE CA . -4.04 22.55 -18.50
C6 PGE CA . -2.86 23.36 -18.84
C5 PGE CA . -2.74 23.86 -20.27
O3 PGE CA . -1.41 24.36 -20.52
C1 EDO DA . 10.53 7.85 5.33
O1 EDO DA . 10.63 7.98 6.78
C2 EDO DA . 9.18 7.43 4.75
O2 EDO DA . 9.06 7.20 3.29
C1 EDO EA . 14.25 10.91 6.72
O1 EDO EA . 15.20 11.92 6.45
C2 EDO EA . 13.31 10.66 5.58
O2 EDO EA . 13.41 9.40 4.90
C1 EDO FA . 9.74 9.88 11.88
O1 EDO FA . 10.99 9.29 11.44
C2 EDO FA . 8.92 9.03 12.81
O2 EDO FA . 7.51 9.16 12.70
C1 EDO GA . 5.80 4.92 17.04
O1 EDO GA . 5.23 3.62 17.14
C2 EDO GA . 5.60 5.57 15.71
O2 EDO GA . 6.78 5.75 14.94
C1 EDO HA . 16.47 -8.30 -16.54
O1 EDO HA . 15.25 -7.90 -15.97
C2 EDO HA . 17.13 -7.16 -17.23
O2 EDO HA . 17.46 -6.10 -16.36
C1 EDO IA . 9.91 -14.98 9.45
O1 EDO IA . 11.19 -14.49 9.88
C2 EDO IA . 10.03 -16.13 8.50
O2 EDO IA . 9.51 -15.85 7.21
C1 EDO JA . 20.86 13.27 2.33
O1 EDO JA . 19.57 13.78 2.65
C2 EDO JA . 21.26 13.45 0.90
O2 EDO JA . 21.81 12.28 0.28
C1 EDO KA . 3.60 -16.64 9.13
O1 EDO KA . 3.88 -16.85 7.75
C2 EDO KA . 4.02 -15.28 9.59
O2 EDO KA . 4.10 -14.29 8.54
C1 EDO LA . 5.25 -13.77 -6.92
O1 EDO LA . 6.20 -12.81 -7.38
C2 EDO LA . 5.36 -14.09 -5.46
O2 EDO LA . 5.71 -15.43 -5.17
MG MG MA . 18.45 -11.22 9.91
PG GNP NA . 20.83 -10.55 11.69
O1G GNP NA . 21.33 -11.51 12.75
O2G GNP NA . 20.13 -11.41 10.74
O3G GNP NA . 22.07 -9.94 10.96
N3B GNP NA . 19.89 -9.36 12.44
PB GNP NA . 18.74 -8.40 11.69
O1B GNP NA . 19.44 -7.18 11.21
O2B GNP NA . 18.14 -9.26 10.63
O3A GNP NA . 17.57 -7.93 12.74
PA GNP NA . 16.08 -8.57 12.89
O1A GNP NA . 15.21 -8.26 11.70
O2A GNP NA . 16.20 -10.04 13.17
O5' GNP NA . 15.53 -7.76 14.17
C5' GNP NA . 16.34 -7.59 15.32
C4' GNP NA . 15.47 -7.24 16.50
O4' GNP NA . 15.05 -5.85 16.44
C3' GNP NA . 14.17 -8.03 16.64
O3' GNP NA . 13.89 -8.06 18.04
C2' GNP NA . 13.16 -7.13 15.92
O2' GNP NA . 11.83 -7.37 16.30
C1' GNP NA . 13.65 -5.75 16.30
N9 GNP NA . 13.36 -4.73 15.31
C8 GNP NA . 13.62 -4.81 13.95
N7 GNP NA . 13.22 -3.75 13.29
C5 GNP NA . 12.64 -2.94 14.25
C6 GNP NA . 12.03 -1.68 14.12
O6 GNP NA . 11.92 -0.99 13.11
N1 GNP NA . 11.63 -1.18 15.36
C2 GNP NA . 11.72 -1.85 16.56
N2 GNP NA . 11.25 -1.21 17.65
N3 GNP NA . 12.25 -3.06 16.68
C4 GNP NA . 12.73 -3.52 15.51
C1 PGE OA . 6.48 4.63 2.59
O1 PGE OA . 7.50 3.51 2.56
C2 PGE OA . 6.64 5.68 3.75
O2 PGE OA . 5.94 5.45 5.01
C3 PGE OA . 5.43 4.13 5.28
C4 PGE OA . 3.98 3.75 4.84
O4 PGE OA . 1.07 0.84 6.79
C6 PGE OA . 2.24 0.49 5.95
C5 PGE OA . 2.82 1.60 4.99
O3 PGE OA . 3.44 2.71 5.67
O1 SRT PA . 33.29 8.99 2.43
O11 SRT PA . 33.61 10.41 0.75
C1 SRT PA . 33.57 9.26 1.23
C2 SRT PA . 33.90 8.06 0.32
O2 SRT PA . 32.87 7.10 0.33
C3 SRT PA . 34.20 8.49 -1.12
O3 SRT PA . 34.97 7.49 -1.77
C4 SRT PA . 32.88 8.77 -1.88
O4 SRT PA . 32.51 7.92 -2.72
O41 SRT PA . 32.29 9.83 -1.60
C1 EDO QA . -10.09 10.39 16.04
O1 EDO QA . -10.87 11.27 15.22
C2 EDO QA . -9.72 10.90 17.39
O2 EDO QA . -8.64 10.21 17.99
C1 EDO RA . 2.54 -4.34 11.95
O1 EDO RA . 2.96 -3.02 11.51
C2 EDO RA . 2.60 -4.53 13.43
O2 EDO RA . 1.95 -3.56 14.28
MG MG SA . -18.99 -1.25 14.31
PG GNP TA . -19.57 -1.25 17.53
O1G GNP TA . -20.63 -0.40 18.10
O2G GNP TA . -20.00 -1.61 16.13
O3G GNP TA . -19.28 -2.52 18.27
N3B GNP TA . -18.20 -0.30 17.49
PB GNP TA . -16.85 -0.63 16.70
O1B GNP TA . -15.92 -1.60 17.32
O2B GNP TA . -17.25 -0.91 15.27
O3A GNP TA . -16.05 0.78 16.84
PA GNP TA . -15.80 1.90 15.68
O1A GNP TA . -15.04 1.25 14.56
O2A GNP TA . -17.11 2.48 15.39
O5' GNP TA . -14.87 2.93 16.46
C5' GNP TA . -15.36 3.52 17.70
C4' GNP TA . -14.67 4.84 17.99
O4' GNP TA . -13.25 4.63 18.10
C3' GNP TA . -14.83 5.90 16.89
O3' GNP TA . -14.84 7.15 17.56
C2' GNP TA . -13.58 5.67 16.04
O2' GNP TA . -13.23 6.89 15.42
C1' GNP TA . -12.57 5.37 17.12
N9 GNP TA . -11.44 4.56 16.72
C8 GNP TA . -11.51 3.30 16.21
N7 GNP TA . -10.34 2.76 16.02
C5 GNP TA . -9.44 3.73 16.45
C6 GNP TA . -8.03 3.74 16.42
O6 GNP TA . -7.27 2.83 16.07
N1 GNP TA . -7.51 4.92 16.94
C2 GNP TA . -8.26 5.98 17.38
N2 GNP TA . -7.59 7.06 17.80
N3 GNP TA . -9.60 6.02 17.32
C4 GNP TA . -10.12 4.86 16.86
C1 PGE UA . 2.23 -6.54 17.35
O1 PGE UA . 1.91 -6.26 15.98
C2 PGE UA . 2.97 -5.41 18.01
O2 PGE UA . 3.81 -5.92 19.05
C3 PGE UA . 5.04 -6.46 18.57
C4 PGE UA . 5.98 -6.74 19.72
O4 PGE UA . 10.38 -5.31 18.73
C6 PGE UA . 9.15 -4.92 19.35
C5 PGE UA . 8.27 -6.11 19.61
O3 PGE UA . 6.92 -5.68 19.83
MG MG VA . -22.69 -10.34 1.63
C1 PGE WA . -24.41 -17.08 6.77
O1 PGE WA . -24.16 -16.65 8.12
C2 PGE WA . -24.81 -15.97 5.79
O2 PGE WA . -26.22 -15.74 5.80
C3 PGE WA . -26.95 -16.55 4.87
C4 PGE WA . -28.45 -16.56 5.14
O4 PGE WA . -30.97 -13.62 7.77
C6 PGE WA . -30.70 -14.86 7.13
C5 PGE WA . -29.22 -15.10 6.87
O3 PGE WA . -28.94 -15.26 5.49
C1 EDO XA . 5.43 -17.35 -1.44
O1 EDO XA . 5.48 -16.18 -2.23
C2 EDO XA . 5.87 -18.57 -2.17
O2 EDO XA . 4.80 -19.27 -2.81
MG MG YA . 14.91 -14.85 -5.49
#